data_2GX8
#
_entry.id   2GX8
#
_cell.length_a   95.036
_cell.length_b   95.036
_cell.length_c   260.732
_cell.angle_alpha   90.00
_cell.angle_beta   90.00
_cell.angle_gamma   120.00
#
_symmetry.space_group_name_H-M   'P 32 2 1'
#
loop_
_entity.id
_entity.type
_entity.pdbx_description
1 polymer 'NIF3-related protein'
2 non-polymer 'ZINC ION'
3 non-polymer '4-(2-HYDROXYETHYL)-1-PIPERAZINE ETHANESULFONIC ACID'
4 non-polymer 2-AMINO-2-HYDROXYMETHYL-PROPANE-1,3-DIOL
5 water water
#
_entity_poly.entity_id   1
_entity_poly.type   'polypeptide(L)'
_entity_poly.pdbx_seq_one_letter_code
;MHHHHHHSSGVDLGTENLYFQSNAMSKIPNGHEIISLFESMYPKHLAMEGDKIGLQIGALNKPVRHVLIALDVTEEVVDE
AIQLGANVIIAHHPLIFNPLKAIHTDKAYGKIIEKCIKNDIAIYAAHTNVDVAKGGVNDLLAEALGLQNTEVLAPTYAEE
MKKVVVFVPVTHAEEVRKALGDAGAGHIGNYSHCTFSSEGTGTFVPQEGTNPYIGETGQLERVEEVRIETIIPASLQRKV
IKAMVTAHPYEEVAYDVYPLDNKGETLGLGKIGYLQEEMTLGQFAEHVKQSLDVKGARVVGKLDDKVRKVAVLGGDGNKY
INQAKFKGADVYVTGDMYYHVAHDAMMLGLNIVDPGHNVEKVMKQGVQKQLQEKVDAKKLNVHIHASQLHTDPFIFV
;
_entity_poly.pdbx_strand_id   A,B,C
#
# COMPACT_ATOMS: atom_id res chain seq x y z
N ILE A 28 27.11 26.56 25.48
CA ILE A 28 27.68 25.19 25.28
C ILE A 28 26.52 24.18 25.13
N PRO A 29 26.29 23.72 23.89
CA PRO A 29 25.19 22.80 23.54
C PRO A 29 25.44 21.28 23.72
N ASN A 30 24.35 20.53 23.57
CA ASN A 30 24.28 19.07 23.57
C ASN A 30 24.59 18.52 22.22
N GLY A 31 24.84 17.23 22.17
CA GLY A 31 25.01 16.55 20.90
C GLY A 31 23.64 16.55 20.24
N HIS A 32 22.60 16.36 21.05
CA HIS A 32 21.22 16.35 20.58
C HIS A 32 20.84 17.61 19.80
N GLU A 33 21.15 18.79 20.34
CA GLU A 33 20.84 20.01 19.60
C GLU A 33 21.64 20.13 18.31
N ILE A 34 22.94 19.81 18.34
CA ILE A 34 23.77 19.82 17.12
C ILE A 34 23.28 18.78 16.09
N ILE A 35 22.89 17.59 16.54
CA ILE A 35 22.39 16.60 15.60
C ILE A 35 20.99 16.92 15.06
N SER A 36 20.23 17.69 15.82
CA SER A 36 18.94 18.13 15.38
C SER A 36 19.07 19.09 14.19
N LEU A 37 20.08 19.95 14.26
CA LEU A 37 20.37 20.92 13.22
C LEU A 37 20.88 20.23 11.98
N PHE A 38 21.70 19.21 12.19
CA PHE A 38 22.21 18.41 11.10
C PHE A 38 21.09 17.70 10.36
N GLU A 39 20.15 17.15 11.13
CA GLU A 39 19.04 16.41 10.56
C GLU A 39 18.01 17.26 9.84
N SER A 40 17.87 18.54 10.22
CA SER A 40 16.96 19.40 9.49
C SER A 40 17.49 19.54 8.04
N MET A 41 18.80 19.39 7.86
CA MET A 41 19.43 19.43 6.52
C MET A 41 19.52 18.05 5.88
N TYR A 42 19.73 17.01 6.70
CA TYR A 42 19.84 15.60 6.24
C TYR A 42 18.88 14.63 6.96
N PRO A 43 17.55 14.76 6.70
CA PRO A 43 16.52 13.97 7.40
C PRO A 43 16.73 12.44 7.32
N LYS A 44 16.30 11.71 8.36
CA LYS A 44 16.54 10.26 8.41
C LYS A 44 15.70 9.47 7.42
N HIS A 45 14.52 9.98 7.08
CA HIS A 45 13.63 9.31 6.12
C HIS A 45 14.16 9.27 4.68
N LEU A 46 15.18 10.09 4.38
CA LEU A 46 15.81 10.12 3.04
C LEU A 46 16.59 8.86 2.71
N ALA A 47 17.14 8.24 3.76
CA ALA A 47 17.94 7.00 3.68
C ALA A 47 17.21 5.80 3.04
N MET A 48 17.99 4.95 2.38
CA MET A 48 17.48 3.77 1.68
C MET A 48 17.09 2.66 2.65
N GLU A 49 16.48 1.62 2.07
CA GLU A 49 15.94 0.44 2.77
C GLU A 49 16.63 -0.05 4.05
N GLY A 50 17.80 -0.68 3.91
CA GLY A 50 18.48 -1.22 5.07
C GLY A 50 19.71 -0.43 5.43
N ASP A 51 19.59 0.90 5.44
CA ASP A 51 20.75 1.70 5.76
C ASP A 51 20.92 1.76 7.29
N LYS A 52 22.17 1.92 7.72
CA LYS A 52 22.51 1.93 9.14
C LYS A 52 22.96 3.33 9.49
N ILE A 53 22.02 4.12 9.98
CA ILE A 53 22.28 5.52 10.32
C ILE A 53 21.94 5.85 11.76
N GLY A 54 22.23 7.10 12.15
CA GLY A 54 21.96 7.54 13.50
C GLY A 54 23.12 7.31 14.41
N LEU A 55 22.86 7.44 15.71
CA LEU A 55 23.88 7.30 16.73
C LEU A 55 24.37 5.87 16.82
N GLN A 56 25.63 5.64 16.49
CA GLN A 56 26.12 4.28 16.52
C GLN A 56 26.83 3.86 17.79
N ILE A 57 27.59 4.77 18.37
CA ILE A 57 28.34 4.49 19.59
C ILE A 57 28.27 5.73 20.46
N GLY A 58 28.11 5.58 21.77
CA GLY A 58 28.11 6.72 22.67
C GLY A 58 26.76 7.28 23.01
N ALA A 59 26.79 8.48 23.59
CA ALA A 59 25.60 9.20 24.06
C ALA A 59 25.62 10.62 23.54
N LEU A 60 24.46 11.25 23.38
CA LEU A 60 24.43 12.61 22.88
C LEU A 60 24.03 13.67 23.90
N ASN A 61 23.61 13.23 25.09
CA ASN A 61 23.26 14.14 26.17
C ASN A 61 24.49 14.48 27.00
N LYS A 62 25.46 15.08 26.32
CA LYS A 62 26.75 15.43 26.87
C LYS A 62 27.08 16.78 26.26
N PRO A 63 27.73 17.68 27.03
CA PRO A 63 28.14 18.96 26.46
C PRO A 63 29.10 18.69 25.30
N VAL A 64 28.96 19.44 24.20
CA VAL A 64 29.82 19.24 23.02
C VAL A 64 30.42 20.52 22.49
N ARG A 65 31.75 20.59 22.48
CA ARG A 65 32.45 21.77 22.03
C ARG A 65 32.99 21.65 20.59
N HIS A 66 33.38 20.44 20.18
CA HIS A 66 33.95 20.24 18.85
C HIS A 66 33.35 19.05 18.15
N VAL A 67 33.12 19.21 16.84
CA VAL A 67 32.54 18.12 16.06
C VAL A 67 33.44 17.85 14.87
N LEU A 68 33.69 16.56 14.61
CA LEU A 68 34.53 16.14 13.50
C LEU A 68 33.69 15.47 12.41
N ILE A 69 33.80 15.94 11.17
CA ILE A 69 33.08 15.31 10.05
C ILE A 69 34.07 14.41 9.35
N ALA A 70 33.65 13.19 9.09
CA ALA A 70 34.53 12.22 8.46
C ALA A 70 33.79 11.41 7.39
N LEU A 71 34.57 10.72 6.58
CA LEU A 71 34.03 9.81 5.58
C LEU A 71 34.05 8.43 6.28
N ASP A 72 35.24 7.89 6.53
CA ASP A 72 35.43 6.62 7.21
C ASP A 72 36.02 6.89 8.58
N VAL A 73 35.52 6.20 9.59
CA VAL A 73 36.01 6.31 10.95
C VAL A 73 37.15 5.30 11.11
N THR A 74 38.37 5.71 10.76
CA THR A 74 39.53 4.86 10.87
C THR A 74 40.15 5.17 12.23
N GLU A 75 41.10 4.36 12.70
CA GLU A 75 41.70 4.64 14.01
C GLU A 75 42.43 5.99 13.98
N GLU A 76 42.90 6.40 12.79
CA GLU A 76 43.60 7.67 12.65
C GLU A 76 42.64 8.84 12.80
N VAL A 77 41.44 8.67 12.26
CA VAL A 77 40.39 9.68 12.36
C VAL A 77 39.95 9.80 13.82
N VAL A 78 39.91 8.69 14.55
CA VAL A 78 39.54 8.78 15.96
C VAL A 78 40.66 9.55 16.72
N ASP A 79 41.91 9.30 16.36
CA ASP A 79 43.01 10.03 17.01
C ASP A 79 42.96 11.53 16.75
N GLU A 80 42.53 11.89 15.54
CA GLU A 80 42.44 13.29 15.14
C GLU A 80 41.37 13.93 16.02
N ALA A 81 40.23 13.27 16.16
CA ALA A 81 39.15 13.72 17.04
C ALA A 81 39.64 13.98 18.47
N ILE A 82 40.37 13.01 19.03
CA ILE A 82 40.93 13.15 20.38
C ILE A 82 41.86 14.34 20.46
N GLN A 83 42.66 14.53 19.42
CA GLN A 83 43.62 15.62 19.36
C GLN A 83 42.88 16.97 19.23
N LEU A 84 41.73 16.96 18.53
CA LEU A 84 40.93 18.15 18.37
C LEU A 84 40.12 18.48 19.61
N GLY A 85 39.82 17.45 20.40
CA GLY A 85 38.95 17.61 21.58
C GLY A 85 37.49 17.47 21.14
N ALA A 86 37.29 16.78 20.03
CA ALA A 86 35.98 16.55 19.49
C ALA A 86 35.40 15.31 20.14
N ASN A 87 34.13 15.38 20.57
CA ASN A 87 33.53 14.21 21.19
C ASN A 87 32.36 13.65 20.42
N VAL A 88 32.20 14.14 19.18
CA VAL A 88 31.23 13.62 18.22
C VAL A 88 31.89 13.56 16.84
N ILE A 89 31.69 12.42 16.18
CA ILE A 89 32.19 12.26 14.83
C ILE A 89 30.97 11.89 14.03
N ILE A 90 30.69 12.70 13.02
CA ILE A 90 29.59 12.43 12.11
C ILE A 90 30.31 11.86 10.90
N ALA A 91 29.99 10.62 10.54
CA ALA A 91 30.67 9.99 9.42
C ALA A 91 29.74 9.59 8.31
N HIS A 92 30.23 9.67 7.07
CA HIS A 92 29.39 9.24 5.96
C HIS A 92 29.29 7.73 5.92
N HIS A 93 30.39 7.03 6.20
CA HIS A 93 30.34 5.58 6.27
C HIS A 93 30.07 5.02 7.66
N PRO A 94 29.00 4.23 7.83
CA PRO A 94 28.68 3.70 9.18
C PRO A 94 29.84 2.90 9.71
N LEU A 95 30.27 3.19 10.94
CA LEU A 95 31.34 2.41 11.56
C LEU A 95 30.87 1.01 11.83
N ILE A 96 29.66 0.90 12.33
CA ILE A 96 29.05 -0.41 12.52
C ILE A 96 28.09 -0.64 11.37
N PHE A 97 28.49 -1.44 10.38
CA PHE A 97 27.56 -1.76 9.29
C PHE A 97 26.95 -3.12 9.53
N ASN A 98 27.79 -4.08 9.86
CA ASN A 98 27.31 -5.40 10.17
C ASN A 98 27.15 -5.38 11.68
N PRO A 99 26.02 -5.87 12.21
CA PRO A 99 25.91 -5.82 13.67
C PRO A 99 26.99 -6.66 14.36
N LEU A 100 27.49 -6.17 15.50
CA LEU A 100 28.60 -6.82 16.19
C LEU A 100 28.24 -8.03 17.02
N LYS A 101 28.83 -9.18 16.68
CA LYS A 101 28.70 -10.40 17.43
C LYS A 101 29.71 -10.39 18.55
N ALA A 102 30.67 -9.48 18.48
CA ALA A 102 31.71 -9.39 19.48
C ALA A 102 32.44 -8.12 19.24
N ILE A 103 33.26 -7.75 20.20
CA ILE A 103 34.13 -6.58 20.09
C ILE A 103 35.49 -7.10 20.49
N HIS A 104 36.29 -7.45 19.50
CA HIS A 104 37.59 -8.03 19.76
C HIS A 104 38.69 -7.00 19.82
N THR A 105 39.17 -6.75 21.03
CA THR A 105 40.13 -5.67 21.23
C THR A 105 41.57 -5.88 20.77
N ASP A 106 41.92 -7.08 20.30
CA ASP A 106 43.25 -7.28 19.75
C ASP A 106 43.20 -7.31 18.22
N LYS A 107 42.05 -6.93 17.68
CA LYS A 107 41.84 -6.81 16.25
C LYS A 107 41.73 -5.34 15.94
N ALA A 108 42.16 -4.95 14.75
CA ALA A 108 42.16 -3.53 14.35
C ALA A 108 40.79 -2.82 14.46
N TYR A 109 39.73 -3.55 14.12
CA TYR A 109 38.38 -3.05 14.15
C TYR A 109 37.88 -2.85 15.57
N GLY A 110 38.11 -3.84 16.43
CA GLY A 110 37.73 -3.71 17.82
C GLY A 110 38.46 -2.56 18.49
N LYS A 111 39.68 -2.27 18.06
CA LYS A 111 40.46 -1.17 18.64
C LYS A 111 39.87 0.20 18.29
N ILE A 112 39.32 0.35 17.09
CA ILE A 112 38.66 1.61 16.73
C ILE A 112 37.51 1.78 17.70
N ILE A 113 36.73 0.72 17.87
CA ILE A 113 35.59 0.76 18.78
C ILE A 113 36.06 0.96 20.21
N GLU A 114 37.14 0.30 20.58
CA GLU A 114 37.66 0.43 21.95
C GLU A 114 37.98 1.87 22.33
N LYS A 115 38.71 2.58 21.49
CA LYS A 115 39.07 3.94 21.86
C LYS A 115 37.98 4.98 21.73
N CYS A 116 36.98 4.72 20.91
CA CYS A 116 35.83 5.61 20.88
C CYS A 116 35.22 5.53 22.29
N ILE A 117 35.01 4.30 22.78
CA ILE A 117 34.43 4.07 24.10
C ILE A 117 35.25 4.69 25.26
N LYS A 118 36.54 4.42 25.24
CA LYS A 118 37.43 4.85 26.31
C LYS A 118 37.63 6.37 26.38
N ASN A 119 37.41 7.04 25.25
CA ASN A 119 37.58 8.49 25.15
C ASN A 119 36.21 9.16 24.95
N ASP A 120 35.15 8.44 25.27
CA ASP A 120 33.80 8.98 25.16
C ASP A 120 33.54 9.74 23.86
N ILE A 121 34.00 9.21 22.74
CA ILE A 121 33.69 9.82 21.47
C ILE A 121 32.40 9.18 20.91
N ALA A 122 31.40 10.00 20.60
CA ALA A 122 30.13 9.49 20.03
C ALA A 122 30.27 9.40 18.51
N ILE A 123 29.76 8.33 17.93
CA ILE A 123 29.89 8.14 16.49
C ILE A 123 28.51 8.15 15.94
N TYR A 124 28.23 9.14 15.09
CA TYR A 124 26.92 9.28 14.47
C TYR A 124 27.11 8.94 12.99
N ALA A 125 26.22 8.12 12.44
CA ALA A 125 26.32 7.75 11.05
C ALA A 125 25.30 8.51 10.19
N ALA A 126 25.77 9.05 9.08
CA ALA A 126 24.93 9.79 8.16
C ALA A 126 25.17 9.17 6.79
N HIS A 127 24.44 8.13 6.43
CA HIS A 127 24.81 7.51 5.17
C HIS A 127 24.08 7.97 3.92
N THR A 128 23.13 7.18 3.40
CA THR A 128 22.43 7.54 2.17
C THR A 128 21.54 8.80 2.23
N ASN A 129 21.26 9.33 3.42
CA ASN A 129 20.55 10.61 3.53
C ASN A 129 21.45 11.73 3.03
N VAL A 130 22.75 11.55 3.23
CA VAL A 130 23.74 12.51 2.76
C VAL A 130 24.00 12.29 1.24
N ASP A 131 23.66 11.11 0.72
CA ASP A 131 23.80 10.84 -0.72
C ASP A 131 22.66 11.49 -1.49
N VAL A 132 21.54 11.61 -0.80
CA VAL A 132 20.27 12.08 -1.36
C VAL A 132 19.92 13.55 -1.20
N ALA A 133 20.09 14.09 0.01
CA ALA A 133 19.67 15.46 0.30
C ALA A 133 20.38 16.55 -0.56
N LYS A 134 19.74 17.71 -0.70
CA LYS A 134 20.30 18.86 -1.43
C LYS A 134 21.65 19.25 -0.81
N GLY A 135 22.63 19.57 -1.63
CA GLY A 135 23.93 19.93 -1.09
C GLY A 135 24.68 18.71 -0.59
N GLY A 136 24.10 17.54 -0.85
CA GLY A 136 24.68 16.26 -0.46
C GLY A 136 25.86 15.82 -1.29
N VAL A 137 26.27 14.58 -1.11
CA VAL A 137 27.48 14.09 -1.78
C VAL A 137 27.38 14.30 -3.29
N ASN A 138 26.21 14.04 -3.87
CA ASN A 138 26.11 14.16 -5.32
C ASN A 138 25.98 15.58 -5.87
N ASP A 139 25.49 16.52 -5.06
CA ASP A 139 25.44 17.91 -5.45
C ASP A 139 26.86 18.42 -5.46
N LEU A 140 27.57 18.08 -4.40
CA LEU A 140 28.98 18.44 -4.26
C LEU A 140 29.81 17.93 -5.45
N LEU A 141 29.69 16.66 -5.83
CA LEU A 141 30.48 16.13 -6.97
C LEU A 141 30.13 16.78 -8.28
N ALA A 142 28.86 17.05 -8.48
CA ALA A 142 28.37 17.68 -9.71
C ALA A 142 28.94 19.08 -9.84
N GLU A 143 28.87 19.86 -8.76
CA GLU A 143 29.40 21.24 -8.80
C GLU A 143 30.93 21.24 -8.93
N ALA A 144 31.58 20.21 -8.38
CA ALA A 144 33.03 20.03 -8.47
C ALA A 144 33.44 19.68 -9.90
N LEU A 145 32.57 18.95 -10.60
CA LEU A 145 32.83 18.63 -11.99
C LEU A 145 32.41 19.76 -12.93
N GLY A 146 31.73 20.78 -12.40
CA GLY A 146 31.31 21.94 -13.20
C GLY A 146 30.13 21.62 -14.11
N LEU A 147 29.24 20.73 -13.65
CA LEU A 147 28.05 20.33 -14.39
C LEU A 147 26.91 21.39 -14.36
N GLN A 148 26.27 21.60 -15.50
CA GLN A 148 25.22 22.60 -15.66
C GLN A 148 23.87 21.90 -15.79
N ASN A 149 22.80 22.59 -15.39
CA ASN A 149 21.44 22.07 -15.46
C ASN A 149 21.26 20.65 -14.94
N THR A 150 21.73 20.38 -13.72
CA THR A 150 21.63 19.02 -13.14
C THR A 150 20.21 18.60 -12.74
N GLU A 151 19.92 17.32 -12.94
CA GLU A 151 18.66 16.68 -12.55
C GLU A 151 19.02 15.43 -11.77
N VAL A 152 18.11 14.96 -10.93
CA VAL A 152 18.33 13.72 -10.18
C VAL A 152 18.46 12.54 -11.16
N LEU A 153 19.42 11.66 -10.90
CA LEU A 153 19.59 10.45 -11.69
C LEU A 153 18.55 9.40 -11.34
N ALA A 154 18.57 8.90 -10.11
CA ALA A 154 17.65 7.85 -9.70
C ALA A 154 16.75 8.27 -8.52
N PRO A 155 15.48 8.61 -8.81
CA PRO A 155 14.55 9.09 -7.80
C PRO A 155 14.32 8.10 -6.65
N THR A 156 14.33 8.60 -5.42
CA THR A 156 14.10 7.75 -4.25
C THR A 156 13.04 8.34 -3.28
N TYR A 157 12.75 9.63 -3.35
CA TYR A 157 11.84 10.27 -2.43
C TYR A 157 11.14 11.45 -3.09
N ALA A 158 9.88 11.64 -2.75
CA ALA A 158 9.10 12.78 -3.19
C ALA A 158 8.15 13.07 -2.04
N GLU A 159 8.17 14.31 -1.54
CA GLU A 159 7.31 14.63 -0.42
C GLU A 159 5.86 14.63 -0.80
N GLU A 160 5.05 14.14 0.12
CA GLU A 160 3.61 14.11 -0.01
C GLU A 160 2.94 15.46 0.14
N MET A 161 1.92 15.65 -0.67
CA MET A 161 1.13 16.86 -0.63
C MET A 161 -0.24 16.49 -0.10
N LYS A 162 -0.93 17.44 0.55
CA LYS A 162 -2.28 17.26 1.07
C LYS A 162 -3.15 18.42 0.62
N LYS A 163 -4.46 18.23 0.56
CA LYS A 163 -5.34 19.36 0.29
C LYS A 163 -6.10 19.62 1.57
N VAL A 164 -6.00 20.86 2.05
CA VAL A 164 -6.76 21.26 3.23
C VAL A 164 -8.02 22.02 2.81
N VAL A 165 -9.18 21.60 3.33
CA VAL A 165 -10.41 22.29 3.06
C VAL A 165 -11.04 22.73 4.40
N VAL A 166 -11.33 24.02 4.51
CA VAL A 166 -11.95 24.56 5.73
C VAL A 166 -13.22 25.35 5.40
N PHE A 167 -14.22 25.26 6.29
CA PHE A 167 -15.46 25.99 6.11
C PHE A 167 -15.46 27.23 7.00
N VAL A 168 -15.84 28.36 6.41
CA VAL A 168 -15.77 29.64 7.10
C VAL A 168 -16.96 30.56 6.77
N PRO A 169 -17.47 31.34 7.76
CA PRO A 169 -18.47 32.30 7.37
C PRO A 169 -17.78 33.37 6.51
N VAL A 170 -18.53 33.93 5.59
CA VAL A 170 -18.06 34.96 4.69
C VAL A 170 -17.30 36.12 5.38
N THR A 171 -17.83 36.59 6.49
CA THR A 171 -17.21 37.67 7.24
C THR A 171 -15.77 37.41 7.64
N HIS A 172 -15.34 36.15 7.73
CA HIS A 172 -13.96 35.86 8.16
C HIS A 172 -13.14 35.08 7.16
N ALA A 173 -13.71 34.80 6.01
CA ALA A 173 -13.01 34.04 4.97
C ALA A 173 -11.64 34.60 4.64
N GLU A 174 -11.55 35.92 4.53
CA GLU A 174 -10.32 36.57 4.14
C GLU A 174 -9.25 36.44 5.22
N GLU A 175 -9.65 36.54 6.49
CA GLU A 175 -8.71 36.36 7.61
C GLU A 175 -8.12 34.98 7.57
N VAL A 176 -8.97 33.99 7.34
CA VAL A 176 -8.56 32.61 7.30
C VAL A 176 -7.61 32.30 6.15
N ARG A 177 -7.90 32.82 4.95
CA ARG A 177 -7.04 32.63 3.80
C ARG A 177 -5.68 33.25 4.05
N LYS A 178 -5.66 34.45 4.62
CA LYS A 178 -4.39 35.09 4.93
C LYS A 178 -3.58 34.24 5.93
N ALA A 179 -4.22 33.70 6.97
CA ALA A 179 -3.56 32.84 7.94
C ALA A 179 -2.92 31.68 7.21
N LEU A 180 -3.73 31.02 6.38
CA LEU A 180 -3.28 29.88 5.60
C LEU A 180 -2.04 30.15 4.77
N GLY A 181 -2.01 31.27 4.05
CA GLY A 181 -0.87 31.62 3.19
C GLY A 181 0.37 32.08 3.92
N ASP A 182 0.21 32.94 4.93
CA ASP A 182 1.30 33.41 5.79
C ASP A 182 2.02 32.23 6.44
N ALA A 183 1.26 31.16 6.69
CA ALA A 183 1.77 29.93 7.29
C ALA A 183 2.45 29.00 6.28
N GLY A 184 2.33 29.32 4.99
CA GLY A 184 2.98 28.53 3.93
C GLY A 184 2.14 27.64 3.02
N ALA A 185 0.81 27.65 3.19
CA ALA A 185 -0.07 26.87 2.34
C ALA A 185 -0.18 27.52 0.98
N GLY A 186 -0.47 26.72 -0.04
CA GLY A 186 -0.57 27.23 -1.42
C GLY A 186 0.67 27.90 -1.96
N HIS A 187 1.86 27.45 -1.54
CA HIS A 187 3.11 28.02 -2.05
C HIS A 187 3.59 27.04 -3.08
N ILE A 188 3.24 27.27 -4.34
CA ILE A 188 3.58 26.33 -5.42
C ILE A 188 4.10 27.05 -6.64
N GLY A 189 5.28 26.63 -7.08
CA GLY A 189 5.93 27.23 -8.25
C GLY A 189 6.28 28.65 -7.90
N ASN A 190 6.01 29.54 -8.83
CA ASN A 190 6.30 30.95 -8.63
C ASN A 190 5.18 31.70 -7.94
N TYR A 191 4.24 30.96 -7.37
CA TYR A 191 3.10 31.56 -6.72
C TYR A 191 3.05 31.19 -5.25
N SER A 192 2.39 32.05 -4.50
CA SER A 192 2.26 31.95 -3.08
C SER A 192 0.82 32.34 -2.71
N HIS A 193 0.36 31.93 -1.54
CA HIS A 193 -1.00 32.28 -1.04
C HIS A 193 -2.16 31.84 -1.95
N CYS A 194 -2.00 30.68 -2.59
CA CYS A 194 -2.97 30.13 -3.52
C CYS A 194 -4.02 29.39 -2.75
N THR A 195 -5.27 29.78 -2.89
CA THR A 195 -6.40 29.11 -2.28
C THR A 195 -7.52 29.19 -3.33
N PHE A 196 -8.58 28.38 -3.18
CA PHE A 196 -9.76 28.49 -4.02
C PHE A 196 -10.94 28.41 -3.06
N SER A 197 -11.83 29.39 -3.16
CA SER A 197 -13.02 29.51 -2.29
C SER A 197 -14.31 29.37 -3.08
N SER A 198 -15.26 28.59 -2.58
CA SER A 198 -16.58 28.46 -3.23
C SER A 198 -17.62 28.81 -2.18
N GLU A 199 -18.70 29.45 -2.59
CA GLU A 199 -19.78 29.69 -1.67
C GLU A 199 -20.86 28.61 -1.80
N GLY A 200 -21.45 28.25 -0.67
CA GLY A 200 -22.51 27.26 -0.67
C GLY A 200 -23.21 27.24 0.67
N THR A 201 -24.03 26.23 0.84
CA THR A 201 -24.83 26.05 2.04
C THR A 201 -24.37 24.91 2.94
N GLY A 202 -24.18 25.23 4.21
CA GLY A 202 -23.82 24.21 5.17
C GLY A 202 -25.02 23.98 6.05
N THR A 203 -25.33 22.72 6.36
CA THR A 203 -26.44 22.41 7.28
C THR A 203 -25.90 21.81 8.58
N PHE A 204 -26.62 22.02 9.70
CA PHE A 204 -26.25 21.52 11.04
C PHE A 204 -27.42 21.47 12.03
N VAL A 205 -27.45 20.47 12.90
CA VAL A 205 -28.48 20.36 13.95
C VAL A 205 -27.77 20.39 15.32
N PRO A 206 -27.66 21.60 15.94
CA PRO A 206 -26.97 21.90 17.21
C PRO A 206 -27.45 21.12 18.44
N GLN A 207 -26.51 20.47 19.13
CA GLN A 207 -26.78 19.66 20.33
C GLN A 207 -26.72 20.48 21.62
N GLN A 219 -34.93 19.68 13.39
CA GLN A 219 -34.87 20.99 12.73
C GLN A 219 -33.44 21.33 12.29
N LEU A 220 -33.14 21.04 11.03
CA LEU A 220 -31.83 21.39 10.47
C LEU A 220 -31.69 22.90 10.24
N GLU A 221 -30.54 23.44 10.63
CA GLU A 221 -30.28 24.85 10.45
C GLU A 221 -29.43 24.94 9.22
N ARG A 222 -29.49 26.05 8.50
CA ARG A 222 -28.62 26.21 7.35
C ARG A 222 -27.96 27.59 7.36
N VAL A 223 -26.75 27.64 6.82
CA VAL A 223 -26.00 28.88 6.72
C VAL A 223 -25.23 28.98 5.41
N GLU A 224 -25.17 30.17 4.83
CA GLU A 224 -24.32 30.39 3.70
C GLU A 224 -22.90 30.35 4.30
N GLU A 225 -22.00 29.65 3.61
CA GLU A 225 -20.60 29.51 4.01
C GLU A 225 -19.67 29.56 2.84
N VAL A 226 -18.39 29.66 3.15
CA VAL A 226 -17.32 29.59 2.16
C VAL A 226 -16.46 28.33 2.42
N ARG A 227 -16.25 27.55 1.37
CA ARG A 227 -15.41 26.36 1.41
C ARG A 227 -14.09 26.79 0.77
N ILE A 228 -13.07 26.91 1.59
CA ILE A 228 -11.74 27.29 1.17
C ILE A 228 -10.82 26.08 1.07
N GLU A 229 -10.20 25.90 -0.08
CA GLU A 229 -9.28 24.78 -0.22
C GLU A 229 -7.89 25.27 -0.60
N THR A 230 -6.89 24.57 -0.13
CA THR A 230 -5.53 24.95 -0.43
C THR A 230 -4.62 23.73 -0.26
N ILE A 231 -3.56 23.72 -1.04
CA ILE A 231 -2.61 22.64 -0.99
C ILE A 231 -1.46 22.88 0.00
N ILE A 232 -1.00 21.83 0.65
CA ILE A 232 0.15 21.93 1.55
C ILE A 232 1.09 20.72 1.41
N PRO A 233 2.40 20.93 1.71
CA PRO A 233 3.25 19.76 1.86
C PRO A 233 2.96 19.14 3.22
N ALA A 234 3.01 17.81 3.28
CA ALA A 234 2.70 17.06 4.47
C ALA A 234 3.37 17.63 5.69
N SER A 235 4.63 18.02 5.55
CA SER A 235 5.40 18.59 6.65
C SER A 235 4.87 19.93 7.20
N LEU A 236 4.10 20.70 6.40
CA LEU A 236 3.56 21.96 6.92
C LEU A 236 2.25 21.80 7.66
N GLN A 237 1.67 20.60 7.63
CA GLN A 237 0.37 20.36 8.25
C GLN A 237 0.10 20.92 9.65
N ARG A 238 0.90 20.57 10.67
CA ARG A 238 0.66 21.07 12.01
C ARG A 238 0.63 22.57 12.08
N LYS A 239 1.65 23.21 11.50
CA LYS A 239 1.80 24.66 11.48
C LYS A 239 0.64 25.39 10.77
N VAL A 240 0.26 24.89 9.61
CA VAL A 240 -0.82 25.45 8.81
C VAL A 240 -2.16 25.30 9.53
N ILE A 241 -2.50 24.07 9.96
CA ILE A 241 -3.72 23.84 10.72
C ILE A 241 -3.76 24.74 11.96
N LYS A 242 -2.67 24.79 12.73
CA LYS A 242 -2.64 25.63 13.92
C LYS A 242 -2.98 27.10 13.59
N ALA A 243 -2.44 27.64 12.50
CA ALA A 243 -2.66 29.03 12.14
C ALA A 243 -4.07 29.27 11.63
N MET A 244 -4.58 28.33 10.85
CA MET A 244 -5.93 28.38 10.35
C MET A 244 -6.97 28.37 11.48
N VAL A 245 -6.73 27.53 12.49
CA VAL A 245 -7.68 27.40 13.58
C VAL A 245 -7.74 28.70 14.40
N THR A 246 -6.57 29.23 14.76
CA THR A 246 -6.43 30.49 15.49
C THR A 246 -7.18 31.66 14.86
N ALA A 247 -7.13 31.72 13.53
CA ALA A 247 -7.77 32.77 12.75
C ALA A 247 -9.25 32.52 12.48
N HIS A 248 -9.71 31.29 12.65
CA HIS A 248 -11.11 30.95 12.39
C HIS A 248 -12.00 31.63 13.46
N PRO A 249 -13.17 32.18 13.06
CA PRO A 249 -14.03 32.85 14.05
C PRO A 249 -14.65 31.96 15.15
N TYR A 250 -14.64 30.65 14.95
CA TYR A 250 -15.32 29.73 15.86
C TYR A 250 -14.40 28.83 16.65
N GLU A 251 -14.94 28.25 17.71
CA GLU A 251 -14.22 27.30 18.52
C GLU A 251 -14.25 25.94 17.79
N GLU A 252 -15.41 25.55 17.29
CA GLU A 252 -15.50 24.34 16.47
C GLU A 252 -15.14 24.69 15.04
N VAL A 253 -14.00 24.19 14.59
CA VAL A 253 -13.59 24.41 13.20
C VAL A 253 -13.80 23.10 12.38
N ALA A 254 -14.59 23.17 11.32
CA ALA A 254 -14.80 22.01 10.47
C ALA A 254 -13.81 22.10 9.31
N TYR A 255 -12.83 21.19 9.29
CA TYR A 255 -11.83 21.18 8.21
C TYR A 255 -11.51 19.74 7.84
N ASP A 256 -11.04 19.53 6.61
CA ASP A 256 -10.67 18.18 6.18
C ASP A 256 -9.27 18.23 5.61
N VAL A 257 -8.52 17.14 5.75
CA VAL A 257 -7.22 17.03 5.12
C VAL A 257 -7.28 15.84 4.16
N TYR A 258 -7.07 16.09 2.86
CA TYR A 258 -7.15 15.01 1.90
C TYR A 258 -5.76 14.62 1.46
N PRO A 259 -5.50 13.30 1.30
CA PRO A 259 -4.27 12.90 0.64
C PRO A 259 -4.32 13.26 -0.88
N LEU A 260 -3.23 13.77 -1.45
CA LEU A 260 -3.25 13.98 -2.87
C LEU A 260 -2.19 13.09 -3.51
N ASP A 261 -2.32 12.84 -4.81
CA ASP A 261 -1.29 12.15 -5.55
C ASP A 261 -0.23 13.15 -5.99
N ASN A 262 -0.54 14.45 -5.94
CA ASN A 262 0.44 15.47 -6.29
C ASN A 262 1.70 15.21 -5.43
N LYS A 263 2.88 15.35 -6.02
CA LYS A 263 4.13 15.16 -5.28
C LYS A 263 4.88 16.44 -5.15
N GLY A 264 5.73 16.50 -4.11
CA GLY A 264 6.58 17.65 -3.87
C GLY A 264 7.81 17.44 -4.71
N GLU A 265 8.91 18.04 -4.28
CA GLU A 265 10.16 17.93 -5.01
C GLU A 265 10.74 16.51 -4.91
N THR A 266 11.25 16.04 -6.05
CA THR A 266 11.92 14.74 -6.16
C THR A 266 13.39 14.81 -5.73
N LEU A 267 13.80 13.88 -4.88
CA LEU A 267 15.18 13.73 -4.44
C LEU A 267 15.60 12.30 -4.79
N GLY A 268 16.90 12.05 -4.92
CA GLY A 268 17.37 10.72 -5.27
C GLY A 268 18.86 10.53 -5.22
N LEU A 269 19.36 9.56 -5.99
CA LEU A 269 20.76 9.24 -6.02
C LEU A 269 21.40 9.72 -7.27
N GLY A 270 22.50 10.43 -7.10
CA GLY A 270 23.26 10.93 -8.23
C GLY A 270 22.57 12.08 -8.92
N LYS A 271 23.32 12.65 -9.84
CA LYS A 271 22.90 13.79 -10.62
C LYS A 271 23.27 13.53 -12.07
N ILE A 272 22.47 14.06 -12.98
CA ILE A 272 22.87 13.99 -14.38
C ILE A 272 22.80 15.43 -14.91
N GLY A 273 23.85 15.85 -15.61
CA GLY A 273 23.93 17.21 -16.13
C GLY A 273 24.91 17.38 -17.27
N TYR A 274 25.23 18.63 -17.60
CA TYR A 274 26.07 18.91 -18.74
C TYR A 274 27.36 19.68 -18.48
N LEU A 275 28.38 19.33 -19.25
CA LEU A 275 29.61 20.07 -19.21
C LEU A 275 29.36 21.35 -20.01
N GLN A 276 30.09 22.41 -19.67
CA GLN A 276 29.94 23.67 -20.39
C GLN A 276 30.35 23.52 -21.84
N GLU A 277 31.24 22.56 -22.10
CA GLU A 277 31.72 22.35 -23.44
C GLU A 277 32.08 20.89 -23.70
N GLU A 278 31.92 20.48 -24.95
CA GLU A 278 32.21 19.11 -25.35
C GLU A 278 33.70 18.81 -25.18
N MET A 279 33.99 17.58 -24.71
CA MET A 279 35.35 17.15 -24.58
C MET A 279 35.48 15.67 -24.92
N THR A 280 36.68 15.19 -25.25
CA THR A 280 36.85 13.77 -25.56
C THR A 280 36.72 13.03 -24.25
N LEU A 281 36.46 11.70 -24.33
CA LEU A 281 36.42 10.89 -23.10
C LEU A 281 37.79 10.98 -22.34
N GLY A 282 38.90 10.91 -23.09
CA GLY A 282 40.28 11.03 -22.49
C GLY A 282 40.48 12.31 -21.66
N GLN A 283 40.06 13.54 -22.20
CA GLN A 283 40.22 14.80 -21.41
C GLN A 283 39.19 14.88 -20.26
N PHE A 284 37.97 14.35 -20.49
CA PHE A 284 37.02 14.38 -19.40
C PHE A 284 37.57 13.62 -18.21
N ALA A 285 38.27 12.51 -18.52
CA ALA A 285 38.87 11.67 -17.51
C ALA A 285 39.95 12.43 -16.72
N GLU A 286 40.75 13.28 -17.40
CA GLU A 286 41.74 14.11 -16.71
C GLU A 286 41.01 15.13 -15.85
N HIS A 287 39.91 15.67 -16.44
CA HIS A 287 39.13 16.70 -15.81
C HIS A 287 38.54 16.16 -14.49
N VAL A 288 38.20 14.87 -14.50
CA VAL A 288 37.71 14.18 -13.28
C VAL A 288 38.86 14.10 -12.22
N LYS A 289 40.07 13.69 -12.66
CA LYS A 289 41.19 13.63 -11.72
C LYS A 289 41.56 15.02 -11.15
N GLN A 290 41.51 16.06 -11.99
CA GLN A 290 41.77 17.43 -11.52
C GLN A 290 40.67 17.90 -10.59
N SER A 291 39.41 17.72 -10.99
CA SER A 291 38.25 18.15 -10.21
C SER A 291 38.02 17.48 -8.86
N LEU A 292 38.33 16.18 -8.79
CA LEU A 292 38.03 15.43 -7.59
C LEU A 292 39.30 15.10 -6.82
N ASP A 293 40.38 15.72 -7.23
CA ASP A 293 41.74 15.53 -6.72
C ASP A 293 42.11 14.08 -6.49
N VAL A 294 42.14 13.28 -7.55
CA VAL A 294 42.59 11.89 -7.44
C VAL A 294 43.77 11.67 -8.38
N LYS A 295 44.76 10.87 -7.96
CA LYS A 295 45.95 10.61 -8.77
C LYS A 295 45.64 9.64 -9.93
N GLY A 296 44.58 8.86 -9.83
CA GLY A 296 44.26 7.93 -10.92
C GLY A 296 42.78 7.61 -11.11
N ALA A 297 42.45 7.04 -12.26
CA ALA A 297 41.10 6.68 -12.57
C ALA A 297 41.12 5.58 -13.60
N ARG A 298 40.10 4.74 -13.58
CA ARG A 298 39.95 3.68 -14.56
C ARG A 298 38.81 4.09 -15.48
N VAL A 299 39.05 3.94 -16.77
CA VAL A 299 38.09 4.33 -17.79
C VAL A 299 37.58 3.16 -18.60
N VAL A 300 36.26 3.13 -18.79
CA VAL A 300 35.61 2.18 -19.69
C VAL A 300 35.10 2.96 -20.91
N GLY A 301 35.52 2.56 -22.10
CA GLY A 301 35.13 3.23 -23.36
C GLY A 301 36.30 3.74 -24.20
N LYS A 302 36.00 4.30 -25.38
CA LYS A 302 37.04 4.82 -26.26
C LYS A 302 37.47 6.23 -25.84
N LEU A 303 38.75 6.39 -25.53
CA LEU A 303 39.30 7.67 -25.10
C LEU A 303 39.04 8.78 -26.12
N ASP A 304 38.89 8.39 -27.38
CA ASP A 304 38.68 9.33 -28.49
C ASP A 304 37.24 9.81 -28.73
N ASP A 305 36.24 9.04 -28.29
CA ASP A 305 34.88 9.53 -28.58
C ASP A 305 34.38 10.67 -27.68
N LYS A 306 33.39 11.39 -28.19
CA LYS A 306 32.93 12.62 -27.57
C LYS A 306 31.99 12.49 -26.38
N VAL A 307 32.18 13.43 -25.44
CA VAL A 307 31.47 13.43 -24.19
C VAL A 307 30.90 14.81 -23.85
N ARG A 308 29.61 14.86 -23.44
CA ARG A 308 28.93 16.11 -23.10
C ARG A 308 28.00 15.99 -21.86
N LYS A 309 27.11 15.00 -21.84
CA LYS A 309 26.20 14.79 -20.70
C LYS A 309 26.86 13.80 -19.74
N VAL A 310 26.93 14.15 -18.45
CA VAL A 310 27.64 13.35 -17.49
C VAL A 310 26.76 12.92 -16.34
N ALA A 311 26.80 11.65 -15.95
CA ALA A 311 26.03 11.22 -14.77
C ALA A 311 27.11 11.02 -13.71
N VAL A 312 26.80 11.28 -12.45
CA VAL A 312 27.77 11.05 -11.38
C VAL A 312 26.99 10.46 -10.22
N LEU A 313 27.62 9.55 -9.49
CA LEU A 313 27.00 8.99 -8.30
C LEU A 313 28.20 8.59 -7.47
N GLY A 314 28.31 9.15 -6.27
CA GLY A 314 29.40 8.82 -5.40
C GLY A 314 29.14 7.46 -4.80
N GLY A 315 30.21 6.77 -4.42
CA GLY A 315 30.10 5.45 -3.81
C GLY A 315 30.02 4.37 -4.85
N ASP A 316 29.35 3.29 -4.49
CA ASP A 316 29.14 2.10 -5.32
C ASP A 316 27.89 2.29 -6.16
N GLY A 317 28.08 2.65 -7.42
CA GLY A 317 26.94 2.86 -8.31
C GLY A 317 26.79 1.86 -9.43
N ASN A 318 27.19 0.60 -9.18
CA ASN A 318 27.04 -0.47 -10.15
C ASN A 318 25.56 -0.67 -10.56
N LYS A 319 24.67 -0.57 -9.59
CA LYS A 319 23.21 -0.74 -9.79
C LYS A 319 22.60 0.22 -10.80
N TYR A 320 23.28 1.34 -11.06
CA TYR A 320 22.65 2.40 -11.82
C TYR A 320 23.09 2.67 -13.23
N ILE A 321 23.93 1.81 -13.82
CA ILE A 321 24.40 2.02 -15.18
C ILE A 321 23.25 2.18 -16.18
N ASN A 322 22.18 1.40 -16.00
CA ASN A 322 21.00 1.43 -16.87
C ASN A 322 20.24 2.74 -16.84
N GLN A 323 20.11 3.27 -15.64
CA GLN A 323 19.42 4.53 -15.44
C GLN A 323 20.30 5.61 -16.06
N ALA A 324 21.60 5.51 -15.87
CA ALA A 324 22.50 6.51 -16.40
C ALA A 324 22.40 6.60 -17.91
N LYS A 325 22.45 5.45 -18.59
CA LYS A 325 22.34 5.41 -20.05
C LYS A 325 20.98 5.89 -20.53
N PHE A 326 19.93 5.46 -19.84
CA PHE A 326 18.56 5.83 -20.24
C PHE A 326 18.32 7.32 -20.13
N LYS A 327 18.94 7.95 -19.15
CA LYS A 327 18.79 9.38 -18.94
C LYS A 327 19.67 10.20 -19.91
N GLY A 328 20.35 9.51 -20.84
CA GLY A 328 21.18 10.12 -21.87
C GLY A 328 22.63 10.46 -21.52
N ALA A 329 23.18 9.84 -20.48
CA ALA A 329 24.56 10.16 -20.11
C ALA A 329 25.55 9.65 -21.13
N ASP A 330 26.44 10.55 -21.54
CA ASP A 330 27.53 10.27 -22.46
C ASP A 330 28.64 9.59 -21.65
N VAL A 331 28.59 9.71 -20.33
CA VAL A 331 29.60 9.10 -19.45
C VAL A 331 29.10 9.12 -18.01
N TYR A 332 29.54 8.15 -17.21
CA TYR A 332 29.06 7.98 -15.84
C TYR A 332 30.24 7.89 -14.89
N VAL A 333 30.29 8.80 -13.93
CA VAL A 333 31.36 8.78 -12.93
C VAL A 333 30.85 8.10 -11.64
N THR A 334 31.46 6.99 -11.25
CA THR A 334 31.05 6.27 -10.03
C THR A 334 32.24 5.41 -9.54
N GLY A 335 32.21 4.94 -8.31
CA GLY A 335 33.27 4.07 -7.80
C GLY A 335 32.90 2.60 -7.64
N ASP A 336 33.91 1.77 -7.35
CA ASP A 336 33.72 0.35 -7.14
C ASP A 336 33.20 -0.42 -8.36
N MET A 337 33.44 0.06 -9.58
CA MET A 337 32.98 -0.65 -10.77
C MET A 337 33.52 -2.10 -10.85
N TYR A 338 32.60 -3.07 -10.93
N TYR A 338 32.61 -3.09 -10.86
CA TYR A 338 32.92 -4.49 -11.01
CA TYR A 338 33.03 -4.48 -10.98
C TYR A 338 33.12 -4.86 -12.47
C TYR A 338 33.22 -4.79 -12.46
N TYR A 339 34.03 -5.81 -12.74
CA TYR A 339 34.34 -6.29 -14.11
C TYR A 339 33.17 -6.57 -15.04
N HIS A 340 32.31 -7.50 -14.61
CA HIS A 340 31.17 -7.89 -15.38
C HIS A 340 30.17 -6.78 -15.58
N VAL A 341 30.14 -5.82 -14.66
CA VAL A 341 29.27 -4.66 -14.78
C VAL A 341 29.91 -3.65 -15.76
N ALA A 342 31.24 -3.64 -15.88
CA ALA A 342 31.91 -2.80 -16.89
C ALA A 342 31.59 -3.38 -18.28
N HIS A 343 31.68 -4.70 -18.42
CA HIS A 343 31.26 -5.32 -19.68
C HIS A 343 29.81 -4.97 -20.01
N ASP A 344 28.92 -4.96 -19.02
CA ASP A 344 27.50 -4.60 -19.26
C ASP A 344 27.41 -3.14 -19.74
N ALA A 345 28.15 -2.27 -19.07
CA ALA A 345 28.24 -0.84 -19.42
C ALA A 345 28.68 -0.69 -20.88
N MET A 346 29.73 -1.43 -21.25
CA MET A 346 30.21 -1.47 -22.63
C MET A 346 29.07 -1.88 -23.55
N MET A 347 28.41 -3.00 -23.25
CA MET A 347 27.33 -3.43 -24.11
C MET A 347 26.22 -2.39 -24.23
N LEU A 348 26.01 -1.58 -23.20
CA LEU A 348 24.99 -0.50 -23.26
C LEU A 348 25.42 0.69 -24.11
N GLY A 349 26.73 0.82 -24.32
CA GLY A 349 27.28 1.96 -25.03
C GLY A 349 27.37 3.09 -24.03
N LEU A 350 27.73 2.77 -22.80
CA LEU A 350 27.88 3.75 -21.73
C LEU A 350 29.33 3.78 -21.27
N ASN A 351 29.94 4.95 -21.33
CA ASN A 351 31.33 5.13 -20.88
C ASN A 351 31.38 5.34 -19.37
N ILE A 352 32.51 4.97 -18.75
CA ILE A 352 32.67 5.12 -17.32
C ILE A 352 34.01 5.73 -16.96
N VAL A 353 34.02 6.59 -15.96
CA VAL A 353 35.26 7.00 -15.36
C VAL A 353 35.11 6.57 -13.90
N ASP A 354 36.04 5.79 -13.39
CA ASP A 354 35.95 5.32 -11.99
C ASP A 354 37.14 5.89 -11.23
N PRO A 355 36.93 7.00 -10.50
CA PRO A 355 37.93 7.71 -9.67
C PRO A 355 38.01 7.13 -8.25
N GLY A 356 37.31 6.04 -8.01
CA GLY A 356 37.30 5.46 -6.69
C GLY A 356 36.16 6.02 -5.88
N HIS A 357 35.69 5.18 -5.00
CA HIS A 357 34.65 5.46 -4.03
C HIS A 357 35.09 6.57 -3.06
N ASN A 358 36.40 6.71 -2.82
CA ASN A 358 36.87 7.69 -1.84
C ASN A 358 36.58 9.13 -2.26
N VAL A 359 36.29 9.32 -3.54
CA VAL A 359 36.00 10.63 -4.14
C VAL A 359 34.83 11.36 -3.44
N GLU A 360 34.08 10.62 -2.61
CA GLU A 360 33.02 11.16 -1.79
C GLU A 360 33.55 11.98 -0.61
N LYS A 361 34.86 12.07 -0.49
CA LYS A 361 35.48 12.85 0.55
C LYS A 361 34.93 14.28 0.55
N VAL A 362 34.40 14.74 -0.59
CA VAL A 362 33.89 16.11 -0.73
C VAL A 362 32.85 16.38 0.36
N MET A 363 32.12 15.35 0.72
CA MET A 363 31.11 15.47 1.75
C MET A 363 31.70 15.98 3.10
N LYS A 364 33.02 15.84 3.32
CA LYS A 364 33.62 16.30 4.58
C LYS A 364 33.63 17.82 4.75
N GLN A 365 34.27 18.55 3.82
CA GLN A 365 34.21 19.99 3.89
C GLN A 365 32.82 20.51 3.51
N GLY A 366 32.07 19.67 2.79
CA GLY A 366 30.72 20.03 2.36
C GLY A 366 29.83 20.23 3.56
N VAL A 367 29.69 19.17 4.34
CA VAL A 367 28.88 19.12 5.55
C VAL A 367 29.39 20.06 6.64
N GLN A 368 30.71 20.18 6.75
CA GLN A 368 31.30 21.06 7.76
C GLN A 368 30.80 22.50 7.57
N LYS A 369 30.87 22.96 6.33
CA LYS A 369 30.46 24.31 5.90
C LYS A 369 28.98 24.52 6.20
N GLN A 370 28.14 23.57 5.76
CA GLN A 370 26.68 23.59 5.95
C GLN A 370 26.29 23.48 7.43
N LEU A 371 27.01 22.65 8.18
CA LEU A 371 26.71 22.53 9.61
C LEU A 371 27.22 23.73 10.44
N GLN A 372 28.37 24.30 10.07
CA GLN A 372 28.89 25.47 10.79
C GLN A 372 27.91 26.63 10.60
N GLU A 373 27.32 26.74 9.40
CA GLU A 373 26.34 27.80 9.12
C GLU A 373 25.10 27.68 9.95
N LYS A 374 24.66 26.45 10.21
CA LYS A 374 23.48 26.23 11.03
C LYS A 374 23.72 26.57 12.49
N VAL A 375 24.86 26.11 13.00
CA VAL A 375 25.24 26.25 14.39
C VAL A 375 25.52 27.73 14.75
N ASP A 376 26.14 28.46 13.82
CA ASP A 376 26.43 29.89 14.01
C ASP A 376 25.15 30.72 14.02
N ALA A 377 24.19 30.37 13.16
CA ALA A 377 22.90 31.04 13.11
C ALA A 377 22.13 30.84 14.41
N LYS A 378 22.34 29.71 15.08
CA LYS A 378 21.68 29.45 16.35
C LYS A 378 22.50 29.98 17.52
N LYS A 379 23.58 30.69 17.18
CA LYS A 379 24.48 31.31 18.17
C LYS A 379 25.04 30.31 19.17
N LEU A 380 25.41 29.14 18.65
CA LEU A 380 25.99 28.10 19.48
C LEU A 380 27.51 28.14 19.32
N ASN A 381 28.21 27.97 20.44
CA ASN A 381 29.66 28.06 20.47
C ASN A 381 30.34 26.69 20.31
N VAL A 382 30.26 26.18 19.08
CA VAL A 382 30.81 24.88 18.68
C VAL A 382 31.60 25.04 17.38
N HIS A 383 32.65 24.24 17.25
CA HIS A 383 33.46 24.29 16.06
C HIS A 383 33.32 22.98 15.29
N ILE A 384 33.02 23.09 14.00
CA ILE A 384 32.88 21.89 13.17
C ILE A 384 34.15 21.75 12.34
N HIS A 385 34.79 20.59 12.45
CA HIS A 385 36.04 20.35 11.75
C HIS A 385 35.82 19.25 10.73
N ALA A 386 36.50 19.35 9.61
CA ALA A 386 36.44 18.33 8.59
C ALA A 386 37.74 17.53 8.68
N SER A 387 37.62 16.21 8.83
CA SER A 387 38.81 15.39 8.91
C SER A 387 39.75 15.67 7.73
N GLN A 388 41.05 15.84 8.01
CA GLN A 388 42.04 16.09 6.98
C GLN A 388 42.65 14.82 6.43
N LEU A 389 42.34 13.69 7.05
CA LEU A 389 43.02 12.46 6.71
C LEU A 389 42.58 11.81 5.43
N HIS A 390 43.56 11.38 4.66
CA HIS A 390 43.30 10.70 3.41
C HIS A 390 42.97 9.23 3.72
N THR A 391 41.76 8.81 3.37
CA THR A 391 41.36 7.45 3.66
C THR A 391 41.11 6.57 2.42
N ASP A 392 41.71 6.91 1.28
CA ASP A 392 41.57 6.03 0.12
C ASP A 392 42.56 4.88 0.31
N PRO A 393 42.07 3.63 0.31
CA PRO A 393 43.02 2.52 0.49
C PRO A 393 43.88 2.26 -0.77
N PHE A 394 43.40 2.71 -1.92
CA PHE A 394 44.07 2.49 -3.18
C PHE A 394 45.09 3.54 -3.58
N ILE A 395 46.24 3.06 -4.08
CA ILE A 395 47.27 3.91 -4.62
C ILE A 395 47.45 3.37 -6.03
N PHE A 396 47.35 4.25 -7.04
CA PHE A 396 47.46 3.80 -8.42
C PHE A 396 48.90 3.67 -8.87
N VAL A 397 49.26 2.50 -9.40
CA VAL A 397 50.60 2.33 -9.97
C VAL A 397 50.49 1.93 -11.46
N SER B 26 -40.14 -13.11 21.87
CA SER B 26 -39.21 -14.24 22.20
C SER B 26 -39.26 -15.45 21.25
N LYS B 27 -38.08 -16.01 20.95
CA LYS B 27 -37.91 -17.27 20.20
C LYS B 27 -36.47 -17.76 20.34
N ILE B 28 -36.25 -19.03 20.07
CA ILE B 28 -34.94 -19.64 20.15
C ILE B 28 -34.12 -19.30 18.92
N PRO B 29 -32.99 -18.64 19.14
CA PRO B 29 -32.09 -18.24 18.05
C PRO B 29 -31.28 -19.41 17.52
N ASN B 30 -30.69 -19.23 16.35
CA ASN B 30 -29.76 -20.23 15.87
C ASN B 30 -28.39 -19.69 16.16
N GLY B 31 -27.37 -20.51 15.97
CA GLY B 31 -26.01 -20.06 16.30
C GLY B 31 -25.56 -18.84 15.56
N HIS B 32 -25.89 -18.75 14.27
CA HIS B 32 -25.48 -17.60 13.46
C HIS B 32 -26.01 -16.29 13.96
N GLU B 33 -27.22 -16.27 14.53
CA GLU B 33 -27.82 -15.03 15.03
C GLU B 33 -27.07 -14.57 16.27
N ILE B 34 -26.73 -15.53 17.13
CA ILE B 34 -26.01 -15.22 18.34
C ILE B 34 -24.65 -14.69 17.98
N ILE B 35 -24.06 -15.32 16.98
CA ILE B 35 -22.70 -14.98 16.59
C ILE B 35 -22.66 -13.62 15.93
N SER B 36 -23.68 -13.26 15.18
CA SER B 36 -23.78 -11.91 14.65
C SER B 36 -23.73 -10.90 15.77
N LEU B 37 -24.51 -11.13 16.83
CA LEU B 37 -24.55 -10.14 17.88
C LEU B 37 -23.20 -10.03 18.55
N PHE B 38 -22.55 -11.18 18.77
CA PHE B 38 -21.25 -11.18 19.41
C PHE B 38 -20.23 -10.40 18.56
N GLU B 39 -20.25 -10.66 17.25
CA GLU B 39 -19.35 -10.01 16.30
C GLU B 39 -19.58 -8.51 16.05
N SER B 40 -20.73 -7.99 16.48
CA SER B 40 -21.02 -6.56 16.34
C SER B 40 -20.23 -5.80 17.42
N MET B 41 -19.89 -6.49 18.52
CA MET B 41 -19.09 -5.91 19.61
C MET B 41 -17.62 -6.21 19.40
N TYR B 42 -17.32 -7.40 18.91
CA TYR B 42 -15.94 -7.83 18.69
C TYR B 42 -15.67 -8.15 17.22
N PRO B 43 -15.67 -7.11 16.34
CA PRO B 43 -15.52 -7.34 14.90
C PRO B 43 -14.30 -8.21 14.57
N LYS B 44 -14.46 -9.17 13.65
CA LYS B 44 -13.33 -10.02 13.24
C LYS B 44 -12.13 -9.28 12.63
N HIS B 45 -12.38 -8.20 11.91
CA HIS B 45 -11.26 -7.44 11.33
C HIS B 45 -10.23 -6.91 12.34
N LEU B 46 -10.64 -6.88 13.62
CA LEU B 46 -9.79 -6.43 14.73
C LEU B 46 -8.70 -7.41 15.13
N ALA B 47 -8.88 -8.70 14.80
CA ALA B 47 -7.87 -9.72 15.11
C ALA B 47 -6.50 -9.45 14.44
N MET B 48 -5.43 -9.87 15.12
CA MET B 48 -4.06 -9.72 14.58
C MET B 48 -3.95 -10.60 13.34
N GLU B 49 -3.12 -10.18 12.39
CA GLU B 49 -2.87 -10.98 11.21
C GLU B 49 -2.26 -12.30 11.73
N GLY B 50 -2.73 -13.43 11.19
CA GLY B 50 -2.24 -14.72 11.63
C GLY B 50 -2.96 -15.35 12.83
N ASP B 51 -3.91 -14.63 13.43
CA ASP B 51 -4.63 -15.17 14.57
C ASP B 51 -5.63 -16.20 14.03
N LYS B 52 -6.05 -17.12 14.89
CA LYS B 52 -6.99 -18.18 14.54
C LYS B 52 -8.33 -17.91 15.19
N ILE B 53 -9.25 -17.29 14.46
CA ILE B 53 -10.51 -16.97 15.07
C ILE B 53 -11.70 -17.52 14.28
N GLY B 54 -12.87 -17.54 14.92
CA GLY B 54 -14.10 -17.96 14.30
C GLY B 54 -14.50 -19.35 14.73
N LEU B 55 -15.41 -19.93 13.96
CA LEU B 55 -15.97 -21.27 14.19
C LEU B 55 -14.85 -22.27 13.94
N GLN B 56 -14.54 -23.07 14.94
CA GLN B 56 -13.49 -24.03 14.82
C GLN B 56 -13.97 -25.46 14.77
N ILE B 57 -15.11 -25.74 15.36
CA ILE B 57 -15.63 -27.07 15.36
C ILE B 57 -17.12 -26.94 15.34
N GLY B 58 -17.80 -27.82 14.59
CA GLY B 58 -19.28 -27.87 14.56
C GLY B 58 -19.93 -26.99 13.50
N ALA B 59 -21.22 -26.70 13.71
CA ALA B 59 -22.00 -25.87 12.80
C ALA B 59 -22.80 -24.93 13.67
N LEU B 60 -23.26 -23.85 13.07
CA LEU B 60 -23.97 -22.80 13.78
C LEU B 60 -25.38 -22.64 13.26
N ASN B 61 -25.74 -23.46 12.28
CA ASN B 61 -27.07 -23.41 11.72
C ASN B 61 -27.94 -24.42 12.44
N LYS B 62 -28.14 -24.17 13.73
CA LYS B 62 -28.89 -25.03 14.59
C LYS B 62 -29.45 -24.21 15.74
N PRO B 63 -30.58 -24.64 16.34
CA PRO B 63 -31.15 -23.95 17.51
C PRO B 63 -30.18 -23.97 18.70
N VAL B 64 -30.09 -22.85 19.41
CA VAL B 64 -29.17 -22.71 20.54
C VAL B 64 -29.89 -22.12 21.73
N ARG B 65 -30.06 -22.93 22.77
CA ARG B 65 -30.74 -22.51 23.98
C ARG B 65 -29.78 -21.97 25.00
N HIS B 66 -28.56 -22.48 25.01
CA HIS B 66 -27.56 -22.06 25.98
C HIS B 66 -26.24 -21.91 25.33
N VAL B 67 -25.49 -20.86 25.72
CA VAL B 67 -24.14 -20.60 25.20
C VAL B 67 -23.23 -20.51 26.41
N LEU B 68 -22.02 -21.08 26.30
CA LEU B 68 -21.04 -21.03 27.38
C LEU B 68 -19.83 -20.19 26.95
N ILE B 69 -19.42 -19.25 27.80
CA ILE B 69 -18.25 -18.37 27.58
C ILE B 69 -17.09 -18.95 28.37
N ALA B 70 -15.97 -19.16 27.67
CA ALA B 70 -14.82 -19.82 28.24
C ALA B 70 -13.55 -19.03 27.90
N LEU B 71 -12.52 -19.21 28.70
CA LEU B 71 -11.20 -18.68 28.40
C LEU B 71 -10.52 -19.81 27.59
N ASP B 72 -10.29 -20.94 28.24
CA ASP B 72 -9.68 -22.13 27.65
C ASP B 72 -10.72 -23.22 27.55
N VAL B 73 -10.70 -23.96 26.45
CA VAL B 73 -11.57 -25.07 26.26
C VAL B 73 -10.84 -26.35 26.66
N THR B 74 -10.87 -26.66 27.95
CA THR B 74 -10.34 -27.90 28.47
C THR B 74 -11.49 -28.92 28.45
N GLU B 75 -11.21 -30.17 28.80
CA GLU B 75 -12.22 -31.19 28.77
C GLU B 75 -13.34 -30.97 29.81
N GLU B 76 -13.00 -30.37 30.95
CA GLU B 76 -14.01 -30.08 31.94
C GLU B 76 -14.92 -28.95 31.54
N VAL B 77 -14.40 -28.03 30.73
CA VAL B 77 -15.24 -26.96 30.19
C VAL B 77 -16.25 -27.60 29.24
N VAL B 78 -15.83 -28.61 28.48
CA VAL B 78 -16.73 -29.33 27.58
C VAL B 78 -17.73 -30.11 28.43
N ASP B 79 -17.30 -30.80 29.48
CA ASP B 79 -18.24 -31.45 30.40
C ASP B 79 -19.25 -30.45 31.00
N GLU B 80 -18.79 -29.23 31.26
CA GLU B 80 -19.63 -28.21 31.85
C GLU B 80 -20.67 -27.78 30.85
N ALA B 81 -20.29 -27.54 29.59
CA ALA B 81 -21.28 -27.16 28.59
C ALA B 81 -22.34 -28.27 28.42
N ILE B 82 -21.88 -29.51 28.33
CA ILE B 82 -22.71 -30.67 28.15
C ILE B 82 -23.73 -30.68 29.27
N GLN B 83 -23.25 -30.42 30.49
CA GLN B 83 -24.13 -30.45 31.65
C GLN B 83 -25.15 -29.30 31.64
N LEU B 84 -24.77 -28.14 31.10
CA LEU B 84 -25.66 -27.00 31.05
C LEU B 84 -26.59 -27.11 29.85
N GLY B 85 -26.23 -27.94 28.88
CA GLY B 85 -27.02 -28.08 27.65
C GLY B 85 -26.60 -27.01 26.67
N ALA B 86 -25.38 -26.53 26.81
CA ALA B 86 -24.86 -25.50 25.93
C ALA B 86 -24.28 -26.17 24.72
N ASN B 87 -24.75 -25.82 23.53
CA ASN B 87 -24.22 -26.42 22.31
C ASN B 87 -23.35 -25.48 21.52
N VAL B 88 -23.01 -24.33 22.13
CA VAL B 88 -22.02 -23.41 21.56
C VAL B 88 -21.11 -22.97 22.67
N ILE B 89 -19.79 -23.01 22.45
CA ILE B 89 -18.85 -22.44 23.42
C ILE B 89 -18.10 -21.34 22.69
N ILE B 90 -18.13 -20.12 23.21
CA ILE B 90 -17.36 -19.02 22.67
C ILE B 90 -16.13 -18.93 23.57
N ALA B 91 -14.94 -19.18 23.00
CA ALA B 91 -13.73 -19.21 23.80
C ALA B 91 -12.75 -18.16 23.39
N HIS B 92 -12.03 -17.63 24.36
CA HIS B 92 -11.02 -16.62 24.05
C HIS B 92 -9.77 -17.24 23.43
N HIS B 93 -9.33 -18.35 24.00
CA HIS B 93 -8.17 -19.02 23.48
C HIS B 93 -8.62 -20.07 22.52
N PRO B 94 -8.11 -20.02 21.27
CA PRO B 94 -8.47 -20.98 20.21
C PRO B 94 -8.16 -22.42 20.62
N LEU B 95 -9.16 -23.32 20.55
CA LEU B 95 -8.95 -24.74 20.81
C LEU B 95 -7.99 -25.30 19.75
N ILE B 96 -8.12 -24.82 18.52
CA ILE B 96 -7.20 -25.22 17.46
C ILE B 96 -6.36 -24.03 17.17
N PHE B 97 -5.07 -24.08 17.53
CA PHE B 97 -4.18 -22.99 17.18
C PHE B 97 -3.20 -23.53 16.11
N ASN B 98 -2.48 -24.56 16.48
CA ASN B 98 -1.64 -25.27 15.54
C ASN B 98 -2.64 -26.10 14.75
N PRO B 99 -2.62 -26.01 13.42
CA PRO B 99 -3.57 -26.82 12.64
C PRO B 99 -3.36 -28.32 12.90
N LEU B 100 -4.42 -29.10 12.83
CA LEU B 100 -4.37 -30.52 13.20
C LEU B 100 -3.85 -31.42 12.10
N LYS B 101 -2.79 -32.18 12.37
CA LYS B 101 -2.33 -33.17 11.43
C LYS B 101 -3.09 -34.50 11.63
N ALA B 102 -3.80 -34.63 12.76
CA ALA B 102 -4.44 -35.88 13.15
C ALA B 102 -5.40 -35.63 14.30
N ILE B 103 -6.31 -36.56 14.56
CA ILE B 103 -7.21 -36.48 15.72
C ILE B 103 -7.06 -37.82 16.42
N HIS B 104 -6.18 -37.83 17.42
CA HIS B 104 -5.85 -39.01 18.18
C HIS B 104 -6.71 -39.09 19.42
N THR B 105 -7.80 -39.81 19.30
CA THR B 105 -8.81 -39.95 20.35
C THR B 105 -8.29 -40.70 21.59
N ASP B 106 -7.04 -41.14 21.53
CA ASP B 106 -6.41 -41.82 22.62
C ASP B 106 -5.58 -40.82 23.45
N LYS B 107 -5.43 -39.58 22.95
CA LYS B 107 -4.66 -38.57 23.67
C LYS B 107 -5.64 -37.57 24.24
N ALA B 108 -5.21 -36.80 25.24
CA ALA B 108 -6.12 -35.89 25.92
C ALA B 108 -6.66 -34.79 25.03
N TYR B 109 -5.84 -34.29 24.12
CA TYR B 109 -6.26 -33.24 23.23
C TYR B 109 -7.29 -33.75 22.24
N GLY B 110 -7.04 -34.91 21.64
CA GLY B 110 -7.96 -35.55 20.71
C GLY B 110 -9.25 -35.97 21.39
N LYS B 111 -9.17 -36.26 22.69
CA LYS B 111 -10.39 -36.56 23.45
C LYS B 111 -11.30 -35.35 23.56
N ILE B 112 -10.72 -34.16 23.74
CA ILE B 112 -11.50 -32.92 23.79
C ILE B 112 -12.23 -32.78 22.46
N ILE B 113 -11.48 -32.78 21.36
CA ILE B 113 -12.11 -32.70 20.03
C ILE B 113 -13.21 -33.75 19.82
N GLU B 114 -12.89 -35.01 20.09
CA GLU B 114 -13.89 -36.10 20.03
C GLU B 114 -15.15 -35.77 20.82
N LYS B 115 -14.96 -35.28 22.04
CA LYS B 115 -16.09 -34.96 22.89
C LYS B 115 -16.99 -33.89 22.30
N CYS B 116 -16.37 -32.85 21.73
CA CYS B 116 -17.14 -31.77 21.08
C CYS B 116 -17.93 -32.33 19.92
N ILE B 117 -17.27 -33.11 19.07
CA ILE B 117 -17.92 -33.70 17.89
C ILE B 117 -19.08 -34.59 18.30
N LYS B 118 -18.86 -35.54 19.20
CA LYS B 118 -19.91 -36.51 19.61
C LYS B 118 -21.12 -35.94 20.31
N ASN B 119 -20.95 -34.78 20.96
CA ASN B 119 -22.06 -34.14 21.66
C ASN B 119 -22.58 -32.91 20.93
N ASP B 120 -22.11 -32.70 19.70
CA ASP B 120 -22.57 -31.63 18.84
C ASP B 120 -22.40 -30.26 19.49
N ILE B 121 -21.22 -30.04 20.09
CA ILE B 121 -20.89 -28.77 20.69
C ILE B 121 -20.04 -28.01 19.67
N ALA B 122 -20.43 -26.77 19.38
CA ALA B 122 -19.70 -25.98 18.43
C ALA B 122 -18.74 -25.13 19.23
N ILE B 123 -17.51 -25.01 18.75
CA ILE B 123 -16.51 -24.25 19.44
C ILE B 123 -16.20 -23.06 18.57
N TYR B 124 -16.31 -21.86 19.12
CA TYR B 124 -16.05 -20.64 18.38
C TYR B 124 -14.95 -19.85 19.08
N ALA B 125 -13.94 -19.41 18.33
CA ALA B 125 -12.83 -18.66 18.87
C ALA B 125 -12.98 -17.16 18.70
N ALA B 126 -12.66 -16.44 19.76
CA ALA B 126 -12.73 -14.99 19.82
C ALA B 126 -11.42 -14.59 20.53
N HIS B 127 -10.33 -14.45 19.79
CA HIS B 127 -9.06 -14.27 20.47
C HIS B 127 -8.60 -12.83 20.58
N THR B 128 -7.71 -12.38 19.70
CA THR B 128 -7.18 -11.02 19.76
C THR B 128 -8.19 -9.91 19.48
N ASN B 129 -9.31 -10.25 18.84
CA ASN B 129 -10.39 -9.26 18.68
C ASN B 129 -10.97 -8.91 20.05
N VAL B 130 -11.04 -9.91 20.97
CA VAL B 130 -11.46 -9.68 22.35
C VAL B 130 -10.40 -8.89 23.14
N ASP B 131 -9.13 -9.01 22.78
CA ASP B 131 -8.10 -8.19 23.42
C ASP B 131 -8.13 -6.76 22.91
N VAL B 132 -8.46 -6.58 21.63
CA VAL B 132 -8.38 -5.24 20.99
C VAL B 132 -9.59 -4.33 21.18
N ALA B 133 -10.78 -4.92 21.15
CA ALA B 133 -12.03 -4.15 21.21
C ALA B 133 -12.29 -3.37 22.50
N LYS B 134 -13.04 -2.27 22.40
CA LYS B 134 -13.51 -1.55 23.59
C LYS B 134 -14.43 -2.48 24.39
N GLY B 135 -14.32 -2.45 25.72
CA GLY B 135 -15.11 -3.34 26.58
C GLY B 135 -14.48 -4.73 26.74
N GLY B 136 -13.38 -4.98 26.04
CA GLY B 136 -12.69 -6.28 26.01
C GLY B 136 -11.79 -6.55 27.18
N VAL B 137 -10.92 -7.56 27.04
CA VAL B 137 -10.03 -8.04 28.10
C VAL B 137 -9.27 -6.96 28.79
N ASN B 138 -8.65 -6.09 28.01
CA ASN B 138 -7.85 -5.07 28.63
C ASN B 138 -8.65 -3.97 29.32
N ASP B 139 -9.82 -3.59 28.78
CA ASP B 139 -10.68 -2.60 29.46
C ASP B 139 -11.13 -3.21 30.79
N LEU B 140 -11.55 -4.47 30.74
CA LEU B 140 -11.95 -5.20 31.93
C LEU B 140 -10.83 -5.28 32.98
N LEU B 141 -9.62 -5.65 32.59
CA LEU B 141 -8.51 -5.68 33.56
C LEU B 141 -8.20 -4.31 34.12
N ALA B 142 -8.26 -3.28 33.27
CA ALA B 142 -8.00 -1.92 33.75
C ALA B 142 -9.07 -1.47 34.75
N GLU B 143 -10.35 -1.76 34.45
CA GLU B 143 -11.42 -1.42 35.39
C GLU B 143 -11.26 -2.14 36.72
N ALA B 144 -10.83 -3.41 36.67
CA ALA B 144 -10.63 -4.22 37.88
C ALA B 144 -9.49 -3.67 38.75
N LEU B 145 -8.44 -3.12 38.11
CA LEU B 145 -7.31 -2.49 38.82
C LEU B 145 -7.58 -1.08 39.35
N GLY B 146 -8.67 -0.46 38.88
CA GLY B 146 -9.09 0.90 39.27
C GLY B 146 -8.37 2.00 38.49
N LEU B 147 -7.88 1.68 37.30
CA LEU B 147 -7.14 2.67 36.52
C LEU B 147 -7.99 3.81 35.93
N GLN B 148 -7.47 5.04 36.03
CA GLN B 148 -8.11 6.26 35.55
C GLN B 148 -7.42 6.69 34.28
N ASN B 149 -8.17 7.44 33.46
CA ASN B 149 -7.62 8.06 32.25
C ASN B 149 -6.77 7.11 31.42
N THR B 150 -7.36 5.98 31.05
CA THR B 150 -6.62 4.96 30.32
C THR B 150 -6.54 5.31 28.87
N GLU B 151 -5.44 4.88 28.25
CA GLU B 151 -5.26 5.05 26.83
C GLU B 151 -4.79 3.68 26.31
N VAL B 152 -4.93 3.46 25.01
CA VAL B 152 -4.45 2.26 24.33
C VAL B 152 -2.92 2.19 24.53
N LEU B 153 -2.41 1.05 24.95
CA LEU B 153 -0.97 0.88 25.12
C LEU B 153 -0.30 0.62 23.75
N ALA B 154 -0.80 -0.33 22.95
CA ALA B 154 -0.16 -0.65 21.66
C ALA B 154 -1.11 -0.52 20.50
N PRO B 155 -1.22 0.67 19.91
CA PRO B 155 -2.10 0.93 18.76
C PRO B 155 -2.04 -0.16 17.68
N THR B 156 -3.20 -0.66 17.24
CA THR B 156 -3.23 -1.67 16.18
C THR B 156 -4.27 -1.35 15.11
N TYR B 157 -5.15 -0.40 15.42
CA TYR B 157 -6.24 -0.08 14.51
C TYR B 157 -6.80 1.32 14.72
N ALA B 158 -6.87 2.08 13.65
CA ALA B 158 -7.51 3.40 13.68
C ALA B 158 -8.62 3.35 12.65
N GLU B 159 -9.83 3.76 13.01
CA GLU B 159 -10.90 3.74 12.02
C GLU B 159 -10.64 4.89 11.06
N GLU B 160 -10.84 4.62 9.78
CA GLU B 160 -10.61 5.66 8.81
C GLU B 160 -11.87 6.43 8.42
N MET B 161 -11.69 7.75 8.23
CA MET B 161 -12.79 8.63 7.93
C MET B 161 -12.81 8.81 6.43
N LYS B 162 -14.01 9.03 5.90
CA LYS B 162 -14.20 9.30 4.48
C LYS B 162 -15.09 10.50 4.29
N LYS B 163 -14.83 11.24 3.22
CA LYS B 163 -15.69 12.30 2.80
C LYS B 163 -16.51 11.70 1.66
N VAL B 164 -17.82 11.80 1.74
CA VAL B 164 -18.68 11.30 0.69
C VAL B 164 -19.21 12.50 -0.07
N VAL B 165 -19.13 12.45 -1.39
CA VAL B 165 -19.60 13.54 -2.25
C VAL B 165 -20.64 13.02 -3.26
N VAL B 166 -21.87 13.51 -3.19
CA VAL B 166 -22.93 13.04 -4.09
C VAL B 166 -23.52 14.16 -4.96
N PHE B 167 -23.92 13.83 -6.19
CA PHE B 167 -24.49 14.80 -7.10
C PHE B 167 -25.98 14.51 -7.25
N VAL B 168 -26.78 15.48 -6.79
CA VAL B 168 -28.22 15.38 -6.77
C VAL B 168 -28.81 16.56 -7.51
N PRO B 169 -29.83 16.33 -8.38
CA PRO B 169 -30.51 17.45 -9.01
C PRO B 169 -31.04 18.38 -7.93
N VAL B 170 -31.15 19.67 -8.26
CA VAL B 170 -31.65 20.68 -7.32
C VAL B 170 -32.95 20.27 -6.61
N THR B 171 -33.87 19.65 -7.35
CA THR B 171 -35.19 19.21 -6.84
C THR B 171 -35.23 18.27 -5.63
N HIS B 172 -34.18 17.48 -5.41
CA HIS B 172 -34.17 16.52 -4.31
C HIS B 172 -32.98 16.68 -3.38
N ALA B 173 -32.19 17.73 -3.61
CA ALA B 173 -30.98 17.97 -2.82
C ALA B 173 -31.26 18.00 -1.34
N GLU B 174 -32.32 18.72 -0.97
CA GLU B 174 -32.73 18.86 0.42
C GLU B 174 -33.09 17.53 1.08
N GLU B 175 -33.77 16.68 0.33
CA GLU B 175 -34.14 15.36 0.83
C GLU B 175 -32.90 14.50 1.04
N VAL B 176 -32.04 14.44 0.04
CA VAL B 176 -30.82 13.62 0.12
C VAL B 176 -29.97 13.99 1.34
N ARG B 177 -29.84 15.28 1.64
CA ARG B 177 -29.14 15.72 2.86
C ARG B 177 -29.82 15.21 4.14
N LYS B 178 -31.15 15.27 4.20
CA LYS B 178 -31.85 14.73 5.37
C LYS B 178 -31.51 13.26 5.42
N ALA B 179 -31.65 12.59 4.27
CA ALA B 179 -31.38 11.15 4.16
C ALA B 179 -30.03 10.75 4.73
N LEU B 180 -28.98 11.43 4.27
CA LEU B 180 -27.60 11.20 4.71
C LEU B 180 -27.42 11.46 6.20
N GLY B 181 -27.93 12.60 6.67
CA GLY B 181 -27.84 12.99 8.07
C GLY B 181 -28.63 12.12 9.01
N ASP B 182 -29.70 11.51 8.50
CA ASP B 182 -30.57 10.60 9.28
C ASP B 182 -29.86 9.28 9.61
N ALA B 183 -28.86 8.93 8.80
CA ALA B 183 -28.08 7.72 9.01
C ALA B 183 -26.77 8.05 9.76
N GLY B 184 -26.73 9.25 10.36
CA GLY B 184 -25.60 9.66 11.19
C GLY B 184 -24.37 10.32 10.60
N ALA B 185 -24.39 10.59 9.29
CA ALA B 185 -23.27 11.24 8.60
C ALA B 185 -23.25 12.69 9.00
N GLY B 186 -22.06 13.25 9.24
CA GLY B 186 -21.95 14.65 9.59
C GLY B 186 -22.12 14.97 11.06
N HIS B 187 -21.60 14.11 11.92
CA HIS B 187 -21.65 14.33 13.37
C HIS B 187 -20.28 14.80 13.85
N ILE B 188 -20.12 16.13 13.89
CA ILE B 188 -18.88 16.80 14.25
C ILE B 188 -19.03 17.54 15.59
N GLY B 189 -18.45 16.98 16.65
CA GLY B 189 -18.56 17.57 17.98
C GLY B 189 -20.00 17.73 18.40
N ASN B 190 -20.38 18.92 18.88
CA ASN B 190 -21.75 19.20 19.34
C ASN B 190 -22.74 19.58 18.21
N TYR B 191 -22.49 19.09 17.00
CA TYR B 191 -23.36 19.35 15.87
C TYR B 191 -23.61 18.03 15.14
N SER B 192 -24.77 17.95 14.50
CA SER B 192 -25.19 16.73 13.80
C SER B 192 -25.72 17.12 12.42
N HIS B 193 -25.84 16.16 11.51
CA HIS B 193 -26.38 16.40 10.16
C HIS B 193 -25.59 17.45 9.37
N CYS B 194 -24.27 17.45 9.51
CA CYS B 194 -23.43 18.40 8.83
C CYS B 194 -23.17 17.92 7.40
N THR B 195 -23.47 18.79 6.43
CA THR B 195 -23.27 18.56 5.01
C THR B 195 -22.93 19.92 4.43
N PHE B 196 -22.21 19.92 3.31
CA PHE B 196 -21.96 21.16 2.62
C PHE B 196 -22.37 20.97 1.18
N SER B 197 -23.09 21.97 0.66
CA SER B 197 -23.66 21.92 -0.69
C SER B 197 -23.24 23.10 -1.57
N SER B 198 -22.78 22.79 -2.78
CA SER B 198 -22.36 23.80 -3.75
C SER B 198 -23.20 23.68 -5.01
N GLU B 199 -23.65 24.82 -5.52
CA GLU B 199 -24.38 24.81 -6.77
C GLU B 199 -23.39 24.81 -7.91
N GLY B 200 -23.63 23.94 -8.88
CA GLY B 200 -22.79 23.83 -10.04
C GLY B 200 -23.53 23.23 -11.22
N THR B 201 -22.81 22.97 -12.30
CA THR B 201 -23.40 22.36 -13.48
C THR B 201 -22.68 21.08 -13.90
N GLY B 202 -23.45 20.04 -14.15
CA GLY B 202 -22.88 18.76 -14.54
C GLY B 202 -23.05 18.56 -16.02
N THR B 203 -22.19 17.74 -16.60
CA THR B 203 -22.29 17.40 -18.02
C THR B 203 -22.14 15.90 -18.18
N PHE B 204 -22.74 15.37 -19.23
CA PHE B 204 -22.65 13.94 -19.56
C PHE B 204 -23.18 13.67 -20.99
N VAL B 205 -22.78 12.55 -21.57
CA VAL B 205 -23.29 12.14 -22.87
C VAL B 205 -23.67 10.67 -22.76
N PRO B 206 -24.95 10.33 -23.04
CA PRO B 206 -25.45 8.95 -23.02
C PRO B 206 -25.16 8.21 -24.33
N GLN B 207 -24.56 7.02 -24.23
CA GLN B 207 -24.19 6.24 -25.43
C GLN B 207 -24.97 4.93 -25.53
N GLN B 219 -23.92 13.95 -28.21
CA GLN B 219 -24.70 15.15 -27.96
C GLN B 219 -24.39 15.87 -26.63
N LEU B 220 -24.34 17.20 -26.70
CA LEU B 220 -24.02 18.11 -25.57
C LEU B 220 -25.05 18.24 -24.42
N GLU B 221 -24.80 17.64 -23.26
CA GLU B 221 -25.80 17.74 -22.17
C GLU B 221 -25.41 18.41 -20.86
N ARG B 222 -26.25 19.33 -20.37
CA ARG B 222 -26.01 20.07 -19.11
C ARG B 222 -27.18 19.95 -18.12
N VAL B 223 -26.84 19.79 -16.85
CA VAL B 223 -27.80 19.69 -15.75
C VAL B 223 -27.32 20.68 -14.70
N GLU B 224 -28.24 21.34 -14.00
CA GLU B 224 -27.87 22.12 -12.83
C GLU B 224 -27.97 21.13 -11.68
N GLU B 225 -26.87 20.92 -10.99
CA GLU B 225 -26.81 19.97 -9.89
C GLU B 225 -26.27 20.56 -8.63
N VAL B 226 -26.35 19.79 -7.57
CA VAL B 226 -25.81 20.16 -6.29
C VAL B 226 -24.81 19.09 -5.93
N ARG B 227 -23.62 19.51 -5.51
CA ARG B 227 -22.55 18.67 -5.04
C ARG B 227 -22.63 18.69 -3.53
N ILE B 228 -23.13 17.62 -2.92
CA ILE B 228 -23.26 17.54 -1.46
C ILE B 228 -22.13 16.71 -0.82
N GLU B 229 -21.48 17.25 0.20
CA GLU B 229 -20.40 16.51 0.86
C GLU B 229 -20.66 16.31 2.33
N THR B 230 -20.27 15.16 2.84
CA THR B 230 -20.45 14.85 4.25
C THR B 230 -19.36 13.87 4.76
N ILE B 231 -19.01 13.98 6.05
CA ILE B 231 -17.99 13.09 6.61
C ILE B 231 -18.58 11.92 7.36
N ILE B 232 -18.13 10.74 7.00
CA ILE B 232 -18.55 9.50 7.66
C ILE B 232 -17.36 8.63 8.13
N PRO B 233 -17.52 7.97 9.29
CA PRO B 233 -16.53 6.96 9.69
C PRO B 233 -16.74 5.83 8.67
N ALA B 234 -15.73 5.01 8.39
CA ALA B 234 -15.88 3.97 7.37
C ALA B 234 -16.90 2.89 7.71
N SER B 235 -17.17 2.68 9.00
CA SER B 235 -18.16 1.68 9.40
C SER B 235 -19.56 2.04 8.89
N LEU B 236 -19.86 3.34 8.88
CA LEU B 236 -21.17 3.81 8.42
C LEU B 236 -21.29 3.92 6.90
N GLN B 237 -20.23 3.58 6.17
CA GLN B 237 -20.23 3.68 4.71
C GLN B 237 -21.37 2.94 4.03
N ARG B 238 -21.45 1.62 4.23
CA ARG B 238 -22.54 0.81 3.63
C ARG B 238 -23.94 1.32 3.97
N LYS B 239 -24.15 1.68 5.23
CA LYS B 239 -25.44 2.20 5.71
C LYS B 239 -25.83 3.52 5.03
N VAL B 240 -24.95 4.53 5.18
CA VAL B 240 -25.15 5.88 4.62
C VAL B 240 -25.34 5.90 3.10
N ILE B 241 -24.62 5.01 2.42
CA ILE B 241 -24.65 4.92 0.98
C ILE B 241 -25.95 4.23 0.51
N LYS B 242 -26.56 3.41 1.37
CA LYS B 242 -27.86 2.80 1.05
C LYS B 242 -28.91 3.91 1.10
N ALA B 243 -28.94 4.59 2.23
CA ALA B 243 -29.87 5.70 2.50
C ALA B 243 -29.73 6.90 1.55
N MET B 244 -28.62 6.95 0.82
CA MET B 244 -28.37 8.02 -0.14
C MET B 244 -28.94 7.62 -1.47
N VAL B 245 -28.48 6.47 -1.94
CA VAL B 245 -28.85 5.86 -3.21
C VAL B 245 -30.35 5.55 -3.34
N THR B 246 -30.94 4.99 -2.28
CA THR B 246 -32.37 4.68 -2.29
C THR B 246 -33.16 5.98 -2.34
N ALA B 247 -32.67 7.00 -1.63
CA ALA B 247 -33.35 8.31 -1.60
C ALA B 247 -32.98 9.20 -2.79
N HIS B 248 -32.26 8.67 -3.78
CA HIS B 248 -31.81 9.47 -4.93
C HIS B 248 -32.59 9.14 -6.20
N PRO B 249 -33.01 10.17 -6.94
CA PRO B 249 -33.71 10.16 -8.23
C PRO B 249 -33.19 9.21 -9.32
N TYR B 250 -31.95 9.39 -9.80
CA TYR B 250 -31.44 8.52 -10.88
C TYR B 250 -31.28 7.02 -10.50
N GLU B 251 -31.08 6.72 -9.22
CA GLU B 251 -30.72 5.37 -8.71
C GLU B 251 -29.41 4.81 -9.31
N GLU B 252 -28.94 5.46 -10.37
CA GLU B 252 -27.68 5.17 -11.04
C GLU B 252 -26.82 6.36 -10.62
N VAL B 253 -26.67 6.49 -9.31
CA VAL B 253 -26.02 7.63 -8.64
C VAL B 253 -24.55 7.91 -8.94
N ALA B 254 -24.24 9.20 -9.08
CA ALA B 254 -22.88 9.67 -9.28
C ALA B 254 -22.36 10.13 -7.92
N TYR B 255 -21.47 9.35 -7.32
CA TYR B 255 -20.92 9.69 -6.02
C TYR B 255 -19.46 9.25 -5.90
N ASP B 256 -18.69 9.98 -5.10
CA ASP B 256 -17.28 9.68 -4.89
C ASP B 256 -17.03 9.46 -3.43
N VAL B 257 -16.04 8.63 -3.14
CA VAL B 257 -15.65 8.38 -1.77
C VAL B 257 -14.16 8.67 -1.58
N TYR B 258 -13.88 9.74 -0.83
CA TYR B 258 -12.53 10.18 -0.59
C TYR B 258 -12.01 9.72 0.74
N PRO B 259 -10.79 9.16 0.76
CA PRO B 259 -10.14 8.85 2.01
C PRO B 259 -9.59 10.15 2.61
N LEU B 260 -9.77 10.33 3.90
CA LEU B 260 -9.27 11.54 4.54
C LEU B 260 -8.10 11.20 5.46
N ASP B 261 -7.22 12.18 5.72
CA ASP B 261 -6.14 11.98 6.71
C ASP B 261 -6.72 11.98 8.14
N ASN B 262 -7.87 12.60 8.32
CA ASN B 262 -8.56 12.64 9.60
C ASN B 262 -8.81 11.19 10.11
N LYS B 263 -8.40 10.85 11.34
CA LYS B 263 -8.72 9.49 11.85
C LYS B 263 -9.80 9.51 12.92
N GLY B 264 -10.35 8.32 13.21
CA GLY B 264 -11.36 8.11 14.24
C GLY B 264 -10.65 7.53 15.45
N GLU B 265 -11.41 7.08 16.46
CA GLU B 265 -10.80 6.52 17.69
C GLU B 265 -9.79 5.44 17.40
N THR B 266 -8.80 5.30 18.29
CA THR B 266 -7.77 4.28 18.15
C THR B 266 -8.02 3.09 19.03
N LEU B 267 -7.77 1.90 18.47
CA LEU B 267 -7.89 0.65 19.20
C LEU B 267 -6.54 -0.06 19.20
N GLY B 268 -6.36 -1.04 20.07
CA GLY B 268 -5.09 -1.77 20.12
C GLY B 268 -5.02 -2.61 21.36
N LEU B 269 -3.89 -3.26 21.59
CA LEU B 269 -3.74 -4.14 22.74
C LEU B 269 -3.23 -3.42 23.96
N GLY B 270 -3.81 -3.78 25.11
CA GLY B 270 -3.38 -3.28 26.40
C GLY B 270 -3.90 -1.91 26.71
N LYS B 271 -3.93 -1.58 27.99
CA LYS B 271 -4.32 -0.23 28.43
C LYS B 271 -3.24 0.36 29.30
N ILE B 272 -3.20 1.68 29.38
CA ILE B 272 -2.23 2.33 30.24
C ILE B 272 -2.95 3.47 30.94
N GLY B 273 -2.91 3.47 32.26
CA GLY B 273 -3.67 4.46 33.00
C GLY B 273 -3.10 4.71 34.35
N TYR B 274 -3.86 5.40 35.18
CA TYR B 274 -3.33 5.82 36.44
C TYR B 274 -4.07 5.36 37.67
N LEU B 275 -3.29 4.99 38.70
CA LEU B 275 -3.83 4.68 40.02
C LEU B 275 -4.47 5.93 40.63
N GLN B 276 -5.49 5.72 41.45
CA GLN B 276 -6.20 6.81 42.16
C GLN B 276 -5.24 7.49 43.15
N GLU B 277 -4.38 6.71 43.78
CA GLU B 277 -3.39 7.22 44.71
C GLU B 277 -2.09 6.49 44.43
N GLU B 278 -0.97 7.10 44.81
CA GLU B 278 0.37 6.51 44.69
C GLU B 278 0.58 5.41 45.72
N MET B 279 1.33 4.38 45.36
CA MET B 279 1.61 3.31 46.30
C MET B 279 2.99 2.71 45.99
N THR B 280 3.48 1.83 46.86
CA THR B 280 4.76 1.18 46.62
C THR B 280 4.55 0.06 45.63
N LEU B 281 5.64 -0.51 45.13
CA LEU B 281 5.50 -1.59 44.20
C LEU B 281 4.90 -2.79 44.93
N GLY B 282 5.33 -3.01 46.18
CA GLY B 282 4.81 -4.11 46.96
C GLY B 282 3.32 -3.98 47.28
N GLN B 283 2.86 -2.77 47.58
CA GLN B 283 1.46 -2.54 47.87
C GLN B 283 0.66 -2.75 46.60
N PHE B 284 1.22 -2.33 45.48
CA PHE B 284 0.53 -2.45 44.22
C PHE B 284 0.40 -3.90 43.78
N ALA B 285 1.45 -4.70 43.98
CA ALA B 285 1.41 -6.14 43.69
C ALA B 285 0.33 -6.82 44.53
N GLU B 286 0.10 -6.35 45.76
CA GLU B 286 -0.94 -6.93 46.63
C GLU B 286 -2.29 -6.49 46.15
N HIS B 287 -2.32 -5.31 45.53
CA HIS B 287 -3.55 -4.79 44.99
C HIS B 287 -3.96 -5.67 43.82
N VAL B 288 -2.98 -6.05 43.01
CA VAL B 288 -3.18 -6.91 41.85
C VAL B 288 -3.75 -8.26 42.27
N LYS B 289 -3.17 -8.86 43.30
CA LYS B 289 -3.66 -10.16 43.79
C LYS B 289 -5.09 -10.05 44.25
N GLN B 290 -5.44 -8.98 44.94
CA GLN B 290 -6.82 -8.84 45.40
C GLN B 290 -7.79 -8.54 44.24
N SER B 291 -7.42 -7.59 43.36
CA SER B 291 -8.26 -7.12 42.24
C SER B 291 -8.61 -8.18 41.24
N LEU B 292 -7.60 -8.96 40.87
CA LEU B 292 -7.72 -10.01 39.83
C LEU B 292 -7.89 -11.38 40.43
N ASP B 293 -8.08 -11.42 41.75
CA ASP B 293 -8.32 -12.65 42.50
C ASP B 293 -7.28 -13.75 42.22
N VAL B 294 -6.00 -13.49 42.45
CA VAL B 294 -4.99 -14.55 42.30
C VAL B 294 -4.30 -14.73 43.65
N LYS B 295 -3.79 -15.92 43.93
CA LYS B 295 -3.15 -16.18 45.23
C LYS B 295 -1.68 -15.78 45.34
N GLY B 296 -0.96 -15.77 44.22
CA GLY B 296 0.43 -15.37 44.21
C GLY B 296 0.71 -14.60 42.94
N ALA B 297 1.84 -13.89 42.88
CA ALA B 297 2.28 -13.19 41.67
C ALA B 297 3.80 -13.10 41.74
N ARG B 298 4.42 -12.70 40.63
CA ARG B 298 5.86 -12.54 40.59
C ARG B 298 6.12 -11.09 40.26
N VAL B 299 7.08 -10.48 40.94
CA VAL B 299 7.35 -9.08 40.80
C VAL B 299 8.79 -8.88 40.39
N VAL B 300 9.00 -7.96 39.44
CA VAL B 300 10.32 -7.58 39.00
C VAL B 300 10.40 -6.12 39.41
N GLY B 301 11.43 -5.76 40.18
CA GLY B 301 11.59 -4.40 40.69
C GLY B 301 11.69 -4.33 42.19
N LYS B 302 12.09 -3.15 42.70
CA LYS B 302 12.25 -2.94 44.13
C LYS B 302 10.89 -2.69 44.77
N LEU B 303 10.55 -3.48 45.79
CA LEU B 303 9.22 -3.40 46.41
C LEU B 303 8.91 -2.07 47.09
N ASP B 304 9.95 -1.27 47.29
CA ASP B 304 9.86 0.05 47.90
C ASP B 304 9.75 1.17 46.87
N ASP B 305 9.81 0.83 45.57
CA ASP B 305 9.66 1.84 44.53
C ASP B 305 8.23 2.33 44.43
N LYS B 306 8.04 3.62 44.16
CA LYS B 306 6.70 4.17 44.07
C LYS B 306 6.12 3.99 42.70
N VAL B 307 4.82 3.68 42.66
CA VAL B 307 4.15 3.47 41.38
C VAL B 307 2.90 4.34 41.26
N ARG B 308 2.72 4.92 40.08
CA ARG B 308 1.53 5.71 39.80
C ARG B 308 0.93 5.42 38.42
N LYS B 309 1.75 5.33 37.38
CA LYS B 309 1.23 5.02 36.05
C LYS B 309 1.43 3.56 35.78
N VAL B 310 0.33 2.89 35.46
CA VAL B 310 0.30 1.44 35.28
C VAL B 310 -0.06 1.02 33.85
N ALA B 311 0.65 0.06 33.30
CA ALA B 311 0.27 -0.49 32.02
C ALA B 311 -0.18 -1.90 32.32
N VAL B 312 -1.11 -2.42 31.50
CA VAL B 312 -1.62 -3.78 31.69
C VAL B 312 -1.96 -4.36 30.34
N LEU B 313 -1.72 -5.64 30.18
CA LEU B 313 -2.00 -6.28 28.92
C LEU B 313 -2.13 -7.72 29.30
N GLY B 314 -3.33 -8.27 29.12
CA GLY B 314 -3.59 -9.66 29.48
C GLY B 314 -2.99 -10.63 28.49
N GLY B 315 -2.53 -11.77 28.98
CA GLY B 315 -1.89 -12.72 28.08
C GLY B 315 -0.38 -12.56 28.08
N ASP B 316 0.27 -12.89 26.97
CA ASP B 316 1.71 -12.83 26.82
C ASP B 316 2.06 -11.42 26.33
N GLY B 317 2.68 -10.63 27.22
CA GLY B 317 3.01 -9.22 26.92
C GLY B 317 4.50 -8.92 26.87
N ASN B 318 5.33 -9.96 26.75
CA ASN B 318 6.78 -9.83 26.65
C ASN B 318 7.23 -8.81 25.61
N LYS B 319 6.61 -8.84 24.42
CA LYS B 319 7.00 -7.97 23.31
C LYS B 319 6.65 -6.50 23.51
N TYR B 320 6.01 -6.16 24.61
CA TYR B 320 5.59 -4.77 24.77
C TYR B 320 6.20 -4.01 25.92
N ILE B 321 7.16 -4.60 26.63
CA ILE B 321 7.86 -3.88 27.71
C ILE B 321 8.40 -2.51 27.25
N ASN B 322 8.92 -2.43 26.03
CA ASN B 322 9.43 -1.17 25.50
C ASN B 322 8.34 -0.14 25.38
N GLN B 323 7.20 -0.54 24.79
CA GLN B 323 6.06 0.35 24.54
C GLN B 323 5.56 0.85 25.88
N ALA B 324 5.46 -0.06 26.85
CA ALA B 324 4.99 0.27 28.17
C ALA B 324 5.80 1.41 28.72
N LYS B 325 7.11 1.23 28.75
CA LYS B 325 8.06 2.19 29.27
C LYS B 325 8.13 3.52 28.46
N PHE B 326 8.01 3.46 27.13
CA PHE B 326 8.03 4.70 26.29
C PHE B 326 6.85 5.57 26.68
N LYS B 327 5.78 4.93 27.15
CA LYS B 327 4.60 5.64 27.61
C LYS B 327 4.59 6.07 29.09
N GLY B 328 5.74 6.08 29.73
CA GLY B 328 5.81 6.50 31.13
C GLY B 328 5.24 5.58 32.19
N ALA B 329 5.17 4.28 31.92
CA ALA B 329 4.64 3.34 32.93
C ALA B 329 5.66 3.13 34.05
N ASP B 330 5.20 3.21 35.30
CA ASP B 330 6.04 2.91 36.42
C ASP B 330 6.07 1.40 36.63
N VAL B 331 4.98 0.74 36.21
CA VAL B 331 4.79 -0.70 36.37
C VAL B 331 3.91 -1.30 35.26
N TYR B 332 4.27 -2.49 34.82
CA TYR B 332 3.54 -3.17 33.76
C TYR B 332 3.00 -4.50 34.32
N VAL B 333 1.70 -4.74 34.11
CA VAL B 333 1.06 -5.95 34.55
C VAL B 333 0.78 -6.82 33.34
N THR B 334 1.40 -8.01 33.30
CA THR B 334 1.19 -8.93 32.19
C THR B 334 1.54 -10.39 32.57
N GLY B 335 1.23 -11.36 31.72
CA GLY B 335 1.54 -12.75 32.03
C GLY B 335 2.65 -13.33 31.19
N ASP B 336 3.13 -14.50 31.58
CA ASP B 336 4.17 -15.26 30.87
C ASP B 336 5.52 -14.53 30.79
N MET B 337 5.79 -13.69 31.79
CA MET B 337 7.04 -12.97 31.84
C MET B 337 8.15 -14.01 31.89
N TYR B 338 9.03 -13.82 30.95
CA TYR B 338 10.15 -14.66 30.64
C TYR B 338 11.46 -14.01 31.18
N TYR B 339 12.42 -14.86 31.56
CA TYR B 339 13.69 -14.44 32.20
C TYR B 339 14.45 -13.31 31.53
N HIS B 340 14.91 -13.57 30.33
CA HIS B 340 15.66 -12.56 29.62
C HIS B 340 14.80 -11.32 29.38
N VAL B 341 13.47 -11.46 29.31
CA VAL B 341 12.62 -10.27 29.13
C VAL B 341 12.53 -9.49 30.46
N ALA B 342 12.39 -10.20 31.57
CA ALA B 342 12.42 -9.55 32.89
C ALA B 342 13.76 -8.79 33.06
N HIS B 343 14.88 -9.42 32.70
CA HIS B 343 16.17 -8.72 32.76
C HIS B 343 16.16 -7.51 31.82
N ASP B 344 15.47 -7.61 30.70
CA ASP B 344 15.38 -6.46 29.82
C ASP B 344 14.60 -5.36 30.50
N ALA B 345 13.54 -5.74 31.21
CA ALA B 345 12.69 -4.79 31.94
C ALA B 345 13.52 -4.04 32.98
N MET B 346 14.22 -4.74 33.87
CA MET B 346 15.08 -4.10 34.88
C MET B 346 15.97 -3.04 34.25
N MET B 347 16.63 -3.41 33.16
CA MET B 347 17.48 -2.45 32.46
C MET B 347 16.75 -1.19 32.01
N LEU B 348 15.55 -1.36 31.50
CA LEU B 348 14.74 -0.22 31.11
C LEU B 348 14.31 0.63 32.30
N GLY B 349 14.28 0.04 33.49
CA GLY B 349 13.81 0.71 34.68
C GLY B 349 12.28 0.57 34.80
N LEU B 350 11.76 -0.55 34.34
CA LEU B 350 10.33 -0.80 34.36
C LEU B 350 10.05 -1.95 35.27
N ASN B 351 9.19 -1.72 36.24
CA ASN B 351 8.79 -2.74 37.18
C ASN B 351 7.70 -3.56 36.52
N ILE B 352 7.51 -4.78 37.00
CA ILE B 352 6.52 -5.69 36.45
C ILE B 352 5.85 -6.50 37.54
N VAL B 353 4.55 -6.75 37.40
CA VAL B 353 3.83 -7.72 38.27
C VAL B 353 3.19 -8.69 37.31
N ASP B 354 3.56 -9.96 37.47
CA ASP B 354 3.03 -11.03 36.68
C ASP B 354 2.08 -11.84 37.54
N PRO B 355 0.76 -11.60 37.36
CA PRO B 355 -0.24 -12.40 38.08
C PRO B 355 -0.66 -13.64 37.30
N GLY B 356 0.00 -13.89 36.17
CA GLY B 356 -0.35 -15.01 35.32
C GLY B 356 -1.25 -14.59 34.15
N HIS B 357 -1.08 -15.26 33.02
CA HIS B 357 -1.90 -15.12 31.83
C HIS B 357 -3.39 -15.39 32.16
N ASN B 358 -3.62 -16.23 33.17
CA ASN B 358 -4.98 -16.63 33.47
C ASN B 358 -5.90 -15.49 33.94
N VAL B 359 -5.34 -14.35 34.30
CA VAL B 359 -6.19 -13.24 34.73
C VAL B 359 -7.11 -12.74 33.60
N GLU B 360 -6.87 -13.21 32.36
CA GLU B 360 -7.78 -12.95 31.23
C GLU B 360 -9.15 -13.59 31.49
N LYS B 361 -9.24 -14.41 32.53
CA LYS B 361 -10.51 -15.02 32.95
C LYS B 361 -11.61 -13.97 33.10
N VAL B 362 -11.25 -12.72 33.38
CA VAL B 362 -12.25 -11.65 33.54
C VAL B 362 -13.15 -11.49 32.30
N MET B 363 -12.66 -11.96 31.15
CA MET B 363 -13.35 -11.93 29.86
C MET B 363 -14.63 -12.81 29.84
N LYS B 364 -14.68 -13.83 30.69
CA LYS B 364 -15.81 -14.73 30.76
C LYS B 364 -17.08 -14.07 31.27
N GLN B 365 -16.99 -13.39 32.42
CA GLN B 365 -18.16 -12.69 32.97
C GLN B 365 -18.36 -11.40 32.16
N GLY B 366 -17.27 -10.78 31.71
CA GLY B 366 -17.40 -9.58 30.89
C GLY B 366 -18.25 -9.83 29.64
N VAL B 367 -17.83 -10.77 28.80
CA VAL B 367 -18.53 -11.14 27.56
C VAL B 367 -19.94 -11.66 27.88
N GLN B 368 -20.07 -12.42 28.96
CA GLN B 368 -21.35 -12.93 29.33
C GLN B 368 -22.35 -11.79 29.51
N LYS B 369 -21.95 -10.74 30.24
CA LYS B 369 -22.84 -9.63 30.53
C LYS B 369 -23.22 -8.89 29.26
N GLN B 370 -22.21 -8.63 28.44
CA GLN B 370 -22.37 -7.91 27.18
C GLN B 370 -23.33 -8.67 26.26
N LEU B 371 -23.07 -9.98 26.15
CA LEU B 371 -23.85 -10.85 25.28
C LEU B 371 -25.24 -11.10 25.82
N GLN B 372 -25.38 -11.36 27.10
CA GLN B 372 -26.73 -11.56 27.63
C GLN B 372 -27.56 -10.28 27.44
N GLU B 373 -26.93 -9.11 27.60
CA GLU B 373 -27.58 -7.80 27.42
C GLU B 373 -28.09 -7.65 25.98
N LYS B 374 -27.23 -8.01 25.02
CA LYS B 374 -27.56 -8.00 23.58
C LYS B 374 -28.70 -8.93 23.21
N VAL B 375 -28.63 -10.19 23.63
CA VAL B 375 -29.65 -11.17 23.27
C VAL B 375 -31.00 -10.83 23.85
N ASP B 376 -30.99 -10.26 25.05
CA ASP B 376 -32.22 -9.83 25.69
C ASP B 376 -32.81 -8.64 24.96
N ALA B 377 -31.98 -7.75 24.42
CA ALA B 377 -32.50 -6.60 23.65
C ALA B 377 -33.23 -7.08 22.38
N LYS B 378 -32.65 -8.07 21.67
CA LYS B 378 -33.26 -8.60 20.45
C LYS B 378 -34.36 -9.63 20.73
N LYS B 379 -34.64 -9.88 22.02
CA LYS B 379 -35.71 -10.80 22.44
C LYS B 379 -35.50 -12.25 22.02
N LEU B 380 -34.28 -12.74 22.09
CA LEU B 380 -33.96 -14.14 21.75
C LEU B 380 -33.94 -14.99 23.03
N ASN B 381 -34.75 -16.05 23.17
CA ASN B 381 -34.57 -16.82 24.41
C ASN B 381 -33.41 -17.82 24.38
N VAL B 382 -32.31 -17.33 24.92
CA VAL B 382 -31.07 -18.05 25.01
C VAL B 382 -30.37 -17.62 26.32
N HIS B 383 -29.83 -18.59 27.05
CA HIS B 383 -29.10 -18.24 28.26
C HIS B 383 -27.60 -18.29 27.99
N ILE B 384 -26.90 -17.20 28.31
CA ILE B 384 -25.44 -17.13 28.19
C ILE B 384 -24.85 -17.36 29.56
N HIS B 385 -23.90 -18.30 29.64
CA HIS B 385 -23.26 -18.69 30.89
C HIS B 385 -21.79 -18.39 30.81
N ALA B 386 -21.16 -18.25 31.99
CA ALA B 386 -19.72 -17.98 32.07
C ALA B 386 -19.27 -19.25 32.76
N SER B 387 -18.14 -19.77 32.29
CA SER B 387 -17.57 -21.00 32.78
C SER B 387 -17.05 -20.74 34.17
N GLN B 388 -17.48 -21.60 35.08
CA GLN B 388 -17.11 -21.50 36.47
C GLN B 388 -15.81 -22.22 36.82
N LEU B 389 -15.20 -22.90 35.85
CA LEU B 389 -14.00 -23.70 36.09
C LEU B 389 -12.76 -22.87 36.12
N HIS B 390 -11.93 -23.14 37.11
CA HIS B 390 -10.66 -22.48 37.23
C HIS B 390 -9.67 -23.17 36.27
N THR B 391 -9.12 -22.42 35.33
CA THR B 391 -8.22 -23.02 34.36
C THR B 391 -6.76 -22.52 34.47
N ASP B 392 -6.34 -21.98 35.60
CA ASP B 392 -4.95 -21.56 35.67
C ASP B 392 -4.18 -22.85 35.87
N PRO B 393 -3.16 -23.10 35.03
CA PRO B 393 -2.42 -24.32 35.35
C PRO B 393 -1.52 -24.19 36.56
N PHE B 394 -1.15 -22.98 36.91
CA PHE B 394 -0.20 -22.79 37.99
C PHE B 394 -0.78 -22.54 39.34
N ILE B 395 -0.17 -23.20 40.32
CA ILE B 395 -0.41 -23.01 41.73
C ILE B 395 0.88 -22.50 42.37
N PHE B 396 0.80 -21.37 43.07
CA PHE B 396 1.95 -20.81 43.77
C PHE B 396 2.23 -21.51 45.08
N VAL B 397 3.50 -21.84 45.32
CA VAL B 397 3.89 -22.47 46.59
C VAL B 397 5.21 -21.86 47.08
N SER C 26 -1.39 3.66 -47.90
CA SER C 26 -1.10 2.73 -46.77
C SER C 26 0.38 2.66 -46.43
N LYS C 27 0.65 2.63 -45.13
CA LYS C 27 1.99 2.53 -44.56
C LYS C 27 2.27 1.11 -44.01
N ILE C 28 3.49 0.61 -44.24
CA ILE C 28 3.92 -0.67 -43.66
C ILE C 28 4.50 -0.29 -42.30
N PRO C 29 3.88 -0.80 -41.22
CA PRO C 29 4.29 -0.47 -39.87
C PRO C 29 5.43 -1.31 -39.38
N ASN C 30 6.01 -0.92 -38.26
CA ASN C 30 7.03 -1.73 -37.65
C ASN C 30 6.39 -2.55 -36.54
N GLY C 31 7.13 -3.46 -35.93
CA GLY C 31 6.58 -4.29 -34.87
C GLY C 31 6.03 -3.50 -33.69
N HIS C 32 6.73 -2.43 -33.31
CA HIS C 32 6.37 -1.61 -32.16
C HIS C 32 4.99 -1.01 -32.23
N GLU C 33 4.63 -0.56 -33.43
CA GLU C 33 3.35 0.05 -33.71
C GLU C 33 2.26 -0.97 -33.55
N ILE C 34 2.43 -2.12 -34.20
CA ILE C 34 1.45 -3.22 -34.08
C ILE C 34 1.25 -3.60 -32.63
N ILE C 35 2.35 -3.88 -31.95
CA ILE C 35 2.34 -4.24 -30.55
C ILE C 35 1.68 -3.16 -29.70
N SER C 36 1.97 -1.90 -30.02
CA SER C 36 1.37 -0.79 -29.30
C SER C 36 -0.15 -0.76 -29.47
N LEU C 37 -0.63 -1.22 -30.63
CA LEU C 37 -2.07 -1.29 -30.89
C LEU C 37 -2.70 -2.54 -30.27
N PHE C 38 -1.90 -3.57 -30.03
CA PHE C 38 -2.40 -4.79 -29.41
C PHE C 38 -2.58 -4.53 -27.94
N GLU C 39 -1.63 -3.81 -27.36
CA GLU C 39 -1.64 -3.51 -25.94
C GLU C 39 -2.72 -2.51 -25.54
N SER C 40 -3.33 -1.84 -26.52
CA SER C 40 -4.43 -0.95 -26.23
C SER C 40 -5.63 -1.80 -25.80
N MET C 41 -5.72 -3.01 -26.34
CA MET C 41 -6.81 -3.92 -26.04
C MET C 41 -6.42 -4.86 -24.87
N TYR C 42 -5.13 -5.16 -24.76
CA TYR C 42 -4.67 -6.07 -23.73
C TYR C 42 -3.48 -5.49 -22.98
N PRO C 43 -3.72 -4.48 -22.12
CA PRO C 43 -2.62 -3.85 -21.38
C PRO C 43 -1.85 -4.78 -20.42
N LYS C 44 -0.56 -4.51 -20.27
CA LYS C 44 0.35 -5.31 -19.42
C LYS C 44 0.10 -5.26 -17.92
N HIS C 45 -0.61 -4.23 -17.43
CA HIS C 45 -0.95 -4.15 -16.01
C HIS C 45 -2.06 -5.15 -15.63
N LEU C 46 -2.75 -5.71 -16.63
CA LEU C 46 -3.78 -6.70 -16.43
C LEU C 46 -3.19 -8.09 -16.11
N ALA C 47 -1.97 -8.33 -16.60
CA ALA C 47 -1.21 -9.56 -16.35
C ALA C 47 -1.04 -9.81 -14.84
N MET C 48 -1.04 -11.08 -14.46
CA MET C 48 -0.95 -11.43 -13.05
C MET C 48 0.47 -11.53 -12.52
N GLU C 49 0.57 -11.44 -11.19
CA GLU C 49 1.81 -11.55 -10.43
C GLU C 49 2.71 -12.71 -10.94
N GLY C 50 3.93 -12.38 -11.34
CA GLY C 50 4.86 -13.40 -11.82
C GLY C 50 4.65 -13.96 -13.22
N ASP C 51 3.71 -13.38 -13.98
CA ASP C 51 3.44 -13.81 -15.37
C ASP C 51 4.60 -13.32 -16.24
N LYS C 52 4.83 -14.01 -17.36
CA LYS C 52 5.92 -13.74 -18.29
C LYS C 52 5.35 -13.30 -19.64
N ILE C 53 5.27 -11.99 -19.88
CA ILE C 53 4.71 -11.48 -21.14
C ILE C 53 5.59 -10.41 -21.84
N GLY C 54 5.19 -10.03 -23.06
CA GLY C 54 5.96 -9.05 -23.85
C GLY C 54 6.86 -9.68 -24.93
N LEU C 55 7.80 -8.90 -25.45
CA LEU C 55 8.72 -9.42 -26.45
C LEU C 55 9.61 -10.45 -25.79
N GLN C 56 9.64 -11.66 -26.33
CA GLN C 56 10.48 -12.69 -25.76
C GLN C 56 11.65 -13.04 -26.65
N ILE C 57 11.45 -12.99 -27.95
CA ILE C 57 12.53 -13.33 -28.88
C ILE C 57 12.51 -12.39 -30.05
N GLY C 58 13.66 -11.79 -30.36
CA GLY C 58 13.75 -10.92 -31.53
C GLY C 58 13.73 -9.45 -31.22
N ALA C 59 13.27 -8.67 -32.21
CA ALA C 59 13.18 -7.20 -32.19
C ALA C 59 11.91 -6.76 -32.93
N LEU C 60 11.37 -5.60 -32.58
CA LEU C 60 10.15 -5.11 -33.24
C LEU C 60 10.39 -3.91 -34.15
N ASN C 61 11.61 -3.38 -34.13
CA ASN C 61 11.94 -2.20 -34.95
C ASN C 61 12.29 -2.54 -36.40
N LYS C 62 11.28 -3.17 -37.10
CA LYS C 62 11.52 -3.66 -38.45
C LYS C 62 10.16 -3.71 -39.16
N PRO C 63 10.11 -3.53 -40.50
CA PRO C 63 8.83 -3.60 -41.24
C PRO C 63 8.09 -4.94 -41.09
N VAL C 64 6.80 -4.89 -40.75
CA VAL C 64 5.99 -6.10 -40.52
C VAL C 64 4.77 -6.15 -41.46
N ARG C 65 4.84 -6.99 -42.50
CA ARG C 65 3.75 -7.11 -43.48
C ARG C 65 2.69 -8.11 -43.07
N HIS C 66 3.06 -9.07 -42.22
CA HIS C 66 2.17 -10.15 -41.80
C HIS C 66 2.46 -10.55 -40.37
N VAL C 67 1.41 -10.83 -39.61
CA VAL C 67 1.52 -11.25 -38.19
C VAL C 67 0.70 -12.54 -37.97
N LEU C 68 1.18 -13.42 -37.08
CA LEU C 68 0.46 -14.66 -36.76
C LEU C 68 -0.02 -14.72 -35.31
N ILE C 69 -1.30 -15.03 -35.11
CA ILE C 69 -1.79 -15.19 -33.77
C ILE C 69 -1.75 -16.69 -33.47
N ALA C 70 -1.09 -17.05 -32.35
CA ALA C 70 -0.98 -18.45 -31.94
C ALA C 70 -1.36 -18.63 -30.49
N LEU C 71 -1.65 -19.89 -30.13
CA LEU C 71 -1.88 -20.24 -28.74
C LEU C 71 -0.53 -20.76 -28.20
N ASP C 72 -0.01 -21.83 -28.82
CA ASP C 72 1.27 -22.43 -28.47
C ASP C 72 2.24 -22.20 -29.60
N VAL C 73 3.47 -21.79 -29.30
CA VAL C 73 4.46 -21.65 -30.35
C VAL C 73 5.23 -22.94 -30.48
N THR C 74 4.72 -23.86 -31.27
CA THR C 74 5.39 -25.15 -31.50
C THR C 74 6.21 -24.94 -32.77
N GLU C 75 7.02 -25.91 -33.16
CA GLU C 75 7.83 -25.73 -34.36
C GLU C 75 6.96 -25.63 -35.64
N GLU C 76 5.87 -26.41 -35.69
CA GLU C 76 4.97 -26.41 -36.84
C GLU C 76 4.31 -25.06 -37.00
N VAL C 77 4.08 -24.36 -35.88
CA VAL C 77 3.51 -23.01 -35.91
C VAL C 77 4.52 -22.01 -36.50
N VAL C 78 5.80 -22.20 -36.17
CA VAL C 78 6.89 -21.38 -36.71
C VAL C 78 7.02 -21.64 -38.23
N ASP C 79 6.91 -22.90 -38.65
CA ASP C 79 6.96 -23.23 -40.09
C ASP C 79 5.84 -22.48 -40.82
N GLU C 80 4.70 -22.33 -40.14
CA GLU C 80 3.52 -21.66 -40.72
C GLU C 80 3.77 -20.17 -40.92
N ALA C 81 4.48 -19.58 -39.96
CA ALA C 81 4.81 -18.18 -39.99
C ALA C 81 5.78 -17.89 -41.15
N ILE C 82 6.63 -18.88 -41.45
CA ILE C 82 7.58 -18.77 -42.55
C ILE C 82 6.87 -18.92 -43.91
N GLN C 83 5.84 -19.76 -43.98
CA GLN C 83 5.12 -19.94 -45.26
C GLN C 83 4.20 -18.75 -45.57
N LEU C 84 3.96 -17.92 -44.56
CA LEU C 84 3.08 -16.76 -44.67
C LEU C 84 3.83 -15.43 -44.85
N GLY C 85 5.08 -15.39 -44.39
CA GLY C 85 5.89 -14.17 -44.43
C GLY C 85 5.66 -13.35 -43.16
N ALA C 86 5.33 -14.05 -42.07
CA ALA C 86 5.07 -13.39 -40.80
C ALA C 86 6.35 -13.29 -40.00
N ASN C 87 6.74 -12.09 -39.64
CA ASN C 87 7.94 -11.99 -38.84
C ASN C 87 7.66 -11.58 -37.39
N VAL C 88 6.41 -11.80 -36.97
CA VAL C 88 5.97 -11.56 -35.59
C VAL C 88 4.84 -12.53 -35.28
N ILE C 89 5.03 -13.30 -34.20
CA ILE C 89 4.00 -14.18 -33.73
C ILE C 89 3.48 -13.69 -32.35
N ILE C 90 2.17 -13.47 -32.25
CA ILE C 90 1.60 -13.11 -30.97
C ILE C 90 1.01 -14.37 -30.42
N ALA C 91 1.60 -14.84 -29.33
CA ALA C 91 1.19 -16.09 -28.71
C ALA C 91 0.64 -15.89 -27.33
N HIS C 92 -0.31 -16.74 -26.95
CA HIS C 92 -0.97 -16.67 -25.68
C HIS C 92 -0.15 -17.29 -24.58
N HIS C 93 0.42 -18.48 -24.85
CA HIS C 93 1.28 -19.12 -23.87
C HIS C 93 2.70 -18.72 -24.22
N PRO C 94 3.43 -18.18 -23.24
CA PRO C 94 4.81 -17.74 -23.44
C PRO C 94 5.68 -18.88 -23.96
N LEU C 95 6.52 -18.62 -24.96
CA LEU C 95 7.49 -19.64 -25.42
C LEU C 95 8.59 -19.82 -24.35
N ILE C 96 9.06 -18.73 -23.75
CA ILE C 96 9.98 -18.87 -22.65
C ILE C 96 9.13 -18.67 -21.41
N PHE C 97 8.99 -19.68 -20.57
CA PHE C 97 8.26 -19.48 -19.31
C PHE C 97 9.30 -19.56 -18.20
N ASN C 98 9.95 -20.70 -18.05
CA ASN C 98 11.09 -20.81 -17.15
C ASN C 98 12.23 -20.07 -17.87
N PRO C 99 13.02 -19.25 -17.14
CA PRO C 99 14.11 -18.56 -17.79
C PRO C 99 15.17 -19.54 -18.37
N LEU C 100 15.70 -19.27 -19.55
CA LEU C 100 16.66 -20.18 -20.17
C LEU C 100 18.04 -20.17 -19.59
N LYS C 101 18.44 -21.34 -19.12
CA LYS C 101 19.76 -21.57 -18.58
C LYS C 101 20.71 -21.96 -19.70
N ALA C 102 20.10 -22.34 -20.83
CA ALA C 102 20.83 -22.83 -21.97
C ALA C 102 19.95 -22.87 -23.21
N ILE C 103 20.56 -22.88 -24.40
CA ILE C 103 19.79 -23.10 -25.64
C ILE C 103 20.37 -24.31 -26.36
N HIS C 104 19.73 -25.45 -26.18
CA HIS C 104 20.19 -26.67 -26.79
C HIS C 104 19.53 -26.95 -28.10
N THR C 105 20.27 -26.72 -29.17
CA THR C 105 19.76 -26.87 -30.52
C THR C 105 19.63 -28.32 -30.95
N ASP C 106 20.13 -29.23 -30.13
CA ASP C 106 20.01 -30.65 -30.35
C ASP C 106 18.62 -31.13 -29.90
N LYS C 107 17.92 -30.30 -29.11
CA LYS C 107 16.61 -30.67 -28.52
C LYS C 107 15.43 -29.97 -29.17
N ALA C 108 14.25 -30.60 -29.12
CA ALA C 108 13.05 -30.04 -29.78
C ALA C 108 12.76 -28.60 -29.44
N TYR C 109 12.91 -28.27 -28.16
CA TYR C 109 12.64 -26.93 -27.68
C TYR C 109 13.62 -25.90 -28.16
N GLY C 110 14.91 -26.24 -28.11
CA GLY C 110 15.99 -25.33 -28.55
C GLY C 110 15.90 -25.09 -30.05
N LYS C 111 15.39 -26.08 -30.79
CA LYS C 111 15.20 -25.98 -32.22
C LYS C 111 14.11 -24.95 -32.60
N ILE C 112 13.17 -24.71 -31.71
CA ILE C 112 12.10 -23.73 -31.96
C ILE C 112 12.69 -22.35 -31.85
N ILE C 113 13.45 -22.13 -30.77
CA ILE C 113 14.12 -20.84 -30.55
C ILE C 113 15.10 -20.57 -31.69
N GLU C 114 15.83 -21.60 -32.10
CA GLU C 114 16.80 -21.51 -33.22
C GLU C 114 16.10 -21.17 -34.53
N LYS C 115 14.99 -21.83 -34.81
CA LYS C 115 14.24 -21.57 -36.02
C LYS C 115 13.73 -20.11 -36.03
N CYS C 116 13.27 -19.62 -34.88
CA CYS C 116 12.81 -18.22 -34.73
C CYS C 116 13.94 -17.24 -34.92
N ILE C 117 15.06 -17.50 -34.26
CA ILE C 117 16.21 -16.61 -34.41
C ILE C 117 16.81 -16.60 -35.80
N LYS C 118 17.03 -17.77 -36.40
CA LYS C 118 17.59 -17.83 -37.75
C LYS C 118 16.72 -17.18 -38.82
N ASN C 119 15.42 -17.15 -38.57
CA ASN C 119 14.48 -16.61 -39.51
C ASN C 119 13.96 -15.23 -39.16
N ASP C 120 14.66 -14.54 -38.27
CA ASP C 120 14.26 -13.18 -37.84
C ASP C 120 12.78 -13.09 -37.44
N ILE C 121 12.28 -14.08 -36.69
CA ILE C 121 10.89 -14.06 -36.26
C ILE C 121 10.77 -13.62 -34.81
N ALA C 122 9.98 -12.56 -34.59
CA ALA C 122 9.78 -12.02 -33.26
C ALA C 122 8.67 -12.81 -32.58
N ILE C 123 8.85 -13.08 -31.30
CA ILE C 123 7.89 -13.85 -30.52
C ILE C 123 7.45 -12.95 -29.36
N TYR C 124 6.15 -12.67 -29.32
CA TYR C 124 5.61 -11.81 -28.30
C TYR C 124 4.59 -12.59 -27.46
N ALA C 125 4.70 -12.53 -26.13
CA ALA C 125 3.75 -13.28 -25.32
C ALA C 125 2.65 -12.40 -24.73
N ALA C 126 1.41 -12.86 -24.87
CA ALA C 126 0.27 -12.18 -24.28
C ALA C 126 -0.47 -13.21 -23.46
N HIS C 127 -0.03 -13.44 -22.23
CA HIS C 127 -0.62 -14.50 -21.43
C HIS C 127 -1.81 -14.09 -20.56
N THR C 128 -1.62 -13.90 -19.26
CA THR C 128 -2.79 -13.60 -18.42
C THR C 128 -3.52 -12.32 -18.76
N ASN C 129 -2.83 -11.38 -19.40
CA ASN C 129 -3.54 -10.16 -19.84
C ASN C 129 -4.69 -10.44 -20.85
N VAL C 130 -4.60 -11.54 -21.61
CA VAL C 130 -5.63 -11.93 -22.58
C VAL C 130 -6.73 -12.77 -21.88
N ASP C 131 -6.40 -13.34 -20.72
CA ASP C 131 -7.34 -14.10 -19.90
C ASP C 131 -8.27 -13.16 -19.14
N VAL C 132 -7.66 -12.08 -18.65
CA VAL C 132 -8.31 -11.05 -17.82
C VAL C 132 -9.12 -10.01 -18.60
N ALA C 133 -8.60 -9.57 -19.74
CA ALA C 133 -9.23 -8.49 -20.50
C ALA C 133 -10.59 -8.79 -21.13
N LYS C 134 -11.45 -7.77 -21.19
CA LYS C 134 -12.75 -7.84 -21.85
C LYS C 134 -12.51 -8.18 -23.33
N GLY C 135 -13.30 -9.12 -23.86
CA GLY C 135 -13.15 -9.57 -25.25
C GLY C 135 -12.10 -10.68 -25.36
N GLY C 136 -11.48 -11.05 -24.23
CA GLY C 136 -10.45 -12.07 -24.21
C GLY C 136 -10.96 -13.50 -24.17
N VAL C 137 -10.03 -14.42 -23.86
CA VAL C 137 -10.27 -15.86 -23.82
C VAL C 137 -11.59 -16.27 -23.19
N ASN C 138 -11.86 -15.73 -22.00
CA ASN C 138 -13.03 -16.11 -21.22
C ASN C 138 -14.34 -15.55 -21.73
N ASP C 139 -14.32 -14.38 -22.38
CA ASP C 139 -15.51 -13.81 -23.02
C ASP C 139 -15.81 -14.61 -24.25
N LEU C 140 -14.75 -14.87 -25.02
CA LEU C 140 -14.83 -15.70 -26.23
C LEU C 140 -15.39 -17.08 -25.93
N LEU C 141 -15.05 -17.65 -24.78
CA LEU C 141 -15.57 -18.96 -24.41
C LEU C 141 -17.01 -18.87 -23.89
N ALA C 142 -17.35 -17.80 -23.19
CA ALA C 142 -18.74 -17.59 -22.73
C ALA C 142 -19.67 -17.43 -23.93
N GLU C 143 -19.30 -16.60 -24.90
CA GLU C 143 -20.10 -16.41 -26.12
C GLU C 143 -20.28 -17.74 -26.80
N ALA C 144 -19.17 -18.45 -27.00
CA ALA C 144 -19.17 -19.74 -27.68
C ALA C 144 -20.16 -20.71 -27.07
N LEU C 145 -20.26 -20.66 -25.74
CA LEU C 145 -21.20 -21.47 -24.97
C LEU C 145 -22.65 -20.94 -24.95
N GLY C 146 -22.87 -19.70 -25.38
CA GLY C 146 -24.20 -19.11 -25.33
C GLY C 146 -24.59 -18.63 -23.94
N LEU C 147 -23.61 -18.25 -23.12
CA LEU C 147 -23.91 -17.77 -21.78
C LEU C 147 -24.34 -16.30 -21.80
N GLN C 148 -25.35 -16.01 -20.98
CA GLN C 148 -25.93 -14.67 -20.84
C GLN C 148 -25.70 -14.06 -19.44
N ASN C 149 -25.80 -12.74 -19.36
CA ASN C 149 -25.61 -12.01 -18.11
C ASN C 149 -24.33 -12.44 -17.39
N THR C 150 -23.21 -12.37 -18.09
CA THR C 150 -21.95 -12.80 -17.49
C THR C 150 -21.31 -11.77 -16.56
N GLU C 151 -20.57 -12.29 -15.58
CA GLU C 151 -19.80 -11.52 -14.61
C GLU C 151 -18.41 -12.11 -14.51
N VAL C 152 -17.44 -11.36 -14.02
CA VAL C 152 -16.11 -11.90 -13.82
C VAL C 152 -16.22 -13.04 -12.78
N LEU C 153 -15.49 -14.12 -13.00
CA LEU C 153 -15.59 -15.23 -12.06
C LEU C 153 -14.71 -14.98 -10.84
N ALA C 154 -13.42 -14.72 -11.07
CA ALA C 154 -12.46 -14.49 -9.99
C ALA C 154 -11.78 -13.17 -10.27
N PRO C 155 -12.13 -12.13 -9.50
CA PRO C 155 -11.59 -10.78 -9.61
C PRO C 155 -10.07 -10.80 -9.32
N THR C 156 -9.31 -10.11 -10.26
CA THR C 156 -7.86 -10.08 -10.05
C THR C 156 -7.38 -8.66 -10.18
N TYR C 157 -8.18 -7.83 -10.82
CA TYR C 157 -7.80 -6.45 -11.06
C TYR C 157 -8.98 -5.47 -11.03
N ALA C 158 -8.79 -4.35 -10.36
CA ALA C 158 -9.74 -3.22 -10.31
C ALA C 158 -8.90 -1.97 -10.32
N GLU C 159 -9.02 -1.20 -11.40
CA GLU C 159 -8.23 0.00 -11.60
C GLU C 159 -8.46 0.99 -10.44
N GLU C 160 -7.39 1.61 -9.94
CA GLU C 160 -7.53 2.67 -8.93
C GLU C 160 -8.10 3.90 -9.64
N MET C 161 -9.06 4.57 -8.99
CA MET C 161 -9.70 5.75 -9.59
C MET C 161 -9.16 7.03 -8.96
N LYS C 162 -9.13 8.09 -9.77
CA LYS C 162 -8.63 9.39 -9.36
C LYS C 162 -9.62 10.46 -9.72
N LYS C 163 -9.70 11.48 -8.89
CA LYS C 163 -10.49 12.64 -9.20
C LYS C 163 -9.51 13.74 -9.65
N VAL C 164 -9.68 14.21 -10.88
CA VAL C 164 -8.87 15.33 -11.31
C VAL C 164 -9.70 16.58 -11.12
N VAL C 165 -9.14 17.55 -10.40
CA VAL C 165 -9.80 18.83 -10.22
C VAL C 165 -8.89 19.84 -10.91
N VAL C 166 -9.40 20.61 -11.86
CA VAL C 166 -8.60 21.61 -12.55
C VAL C 166 -9.29 22.99 -12.43
N PHE C 167 -8.49 24.06 -12.38
CA PHE C 167 -9.03 25.44 -12.22
C PHE C 167 -8.78 26.19 -13.51
N VAL C 168 -9.84 26.70 -14.12
CA VAL C 168 -9.76 27.30 -15.46
C VAL C 168 -10.60 28.57 -15.54
N PRO C 169 -10.10 29.61 -16.23
CA PRO C 169 -10.98 30.76 -16.44
C PRO C 169 -12.21 30.36 -17.28
N VAL C 170 -13.36 31.01 -17.01
CA VAL C 170 -14.65 30.75 -17.70
C VAL C 170 -14.52 30.85 -19.21
N THR C 171 -13.56 31.66 -19.68
CA THR C 171 -13.30 31.78 -21.12
C THR C 171 -12.84 30.44 -21.70
N HIS C 172 -12.10 29.67 -20.92
CA HIS C 172 -11.60 28.42 -21.46
C HIS C 172 -12.17 27.16 -20.86
N ALA C 173 -13.15 27.34 -19.97
CA ALA C 173 -13.75 26.22 -19.27
C ALA C 173 -14.38 25.15 -20.17
N GLU C 174 -15.22 25.57 -21.11
CA GLU C 174 -15.91 24.63 -22.01
C GLU C 174 -14.95 23.82 -22.88
N GLU C 175 -13.90 24.50 -23.31
CA GLU C 175 -12.86 23.92 -24.12
C GLU C 175 -12.08 22.85 -23.32
N VAL C 176 -11.85 23.12 -22.03
CA VAL C 176 -11.13 22.20 -21.12
C VAL C 176 -11.97 20.98 -20.76
N ARG C 177 -13.27 21.14 -20.58
CA ARG C 177 -14.17 20.00 -20.35
C ARG C 177 -14.18 19.07 -21.57
N LYS C 178 -14.20 19.64 -22.78
CA LYS C 178 -14.25 18.87 -24.02
C LYS C 178 -12.99 18.03 -24.15
N ALA C 179 -11.86 18.64 -23.83
CA ALA C 179 -10.55 18.00 -23.91
C ALA C 179 -10.45 16.85 -22.94
N LEU C 180 -10.95 17.04 -21.74
CA LEU C 180 -10.95 15.99 -20.73
C LEU C 180 -11.80 14.81 -21.17
N GLY C 181 -12.99 15.11 -21.67
CA GLY C 181 -13.94 14.11 -22.12
C GLY C 181 -13.46 13.30 -23.29
N ASP C 182 -13.09 14.00 -24.37
CA ASP C 182 -12.55 13.39 -25.60
C ASP C 182 -11.38 12.45 -25.28
N ALA C 183 -10.58 12.83 -24.29
CA ALA C 183 -9.44 12.05 -23.82
C ALA C 183 -9.81 10.86 -22.92
N GLY C 184 -11.11 10.68 -22.68
CA GLY C 184 -11.59 9.54 -21.88
C GLY C 184 -11.89 9.74 -20.40
N ALA C 185 -11.80 10.99 -19.93
CA ALA C 185 -12.10 11.27 -18.55
C ALA C 185 -13.60 11.40 -18.37
N GLY C 186 -14.12 10.89 -17.24
CA GLY C 186 -15.54 10.95 -16.97
C GLY C 186 -16.37 9.92 -17.72
N HIS C 187 -15.73 8.81 -18.12
CA HIS C 187 -16.39 7.72 -18.84
C HIS C 187 -16.61 6.53 -17.89
N ILE C 188 -17.77 6.57 -17.21
CA ILE C 188 -18.18 5.54 -16.26
C ILE C 188 -19.58 5.01 -16.64
N GLY C 189 -19.69 3.71 -16.85
CA GLY C 189 -20.96 3.10 -17.24
C GLY C 189 -21.31 3.49 -18.66
N ASN C 190 -22.60 3.69 -18.93
CA ASN C 190 -23.05 4.08 -20.28
C ASN C 190 -23.06 5.57 -20.57
N TYR C 191 -22.39 6.34 -19.71
CA TYR C 191 -22.29 7.79 -19.88
C TYR C 191 -20.83 8.20 -20.01
N SER C 192 -20.56 9.12 -20.93
CA SER C 192 -19.22 9.67 -21.10
C SER C 192 -19.25 11.16 -20.78
N HIS C 193 -18.10 11.81 -20.91
CA HIS C 193 -17.92 13.25 -20.68
C HIS C 193 -18.49 13.76 -19.36
N CYS C 194 -18.42 12.92 -18.32
CA CYS C 194 -18.92 13.30 -17.02
C CYS C 194 -17.97 14.27 -16.38
N THR C 195 -18.50 15.43 -15.98
CA THR C 195 -17.76 16.46 -15.29
C THR C 195 -18.69 17.23 -14.36
N PHE C 196 -18.07 17.94 -13.42
CA PHE C 196 -18.81 18.85 -12.55
C PHE C 196 -18.02 20.15 -12.44
N SER C 197 -18.71 21.26 -12.63
CA SER C 197 -18.09 22.57 -12.59
C SER C 197 -18.88 23.51 -11.68
N SER C 198 -18.13 24.25 -10.86
CA SER C 198 -18.69 25.27 -9.97
C SER C 198 -17.79 26.49 -10.04
N GLU C 199 -18.38 27.65 -9.83
CA GLU C 199 -17.61 28.87 -9.87
C GLU C 199 -17.14 29.29 -8.49
N GLY C 200 -15.98 29.92 -8.46
CA GLY C 200 -15.44 30.42 -7.24
C GLY C 200 -14.33 31.40 -7.54
N THR C 201 -13.59 31.73 -6.49
CA THR C 201 -12.53 32.70 -6.57
C THR C 201 -11.21 32.09 -6.14
N GLY C 202 -10.17 32.32 -6.93
CA GLY C 202 -8.82 31.86 -6.61
C GLY C 202 -7.96 33.05 -6.24
N THR C 203 -7.06 32.87 -5.28
CA THR C 203 -6.17 33.96 -4.89
C THR C 203 -4.73 33.53 -5.18
N PHE C 204 -3.82 34.48 -5.36
CA PHE C 204 -2.44 34.15 -5.58
C PHE C 204 -1.58 35.38 -5.33
N VAL C 205 -0.33 35.17 -4.96
CA VAL C 205 0.64 36.25 -4.78
C VAL C 205 1.87 35.89 -5.61
N PRO C 206 1.98 36.43 -6.84
CA PRO C 206 3.11 36.16 -7.74
C PRO C 206 4.43 36.47 -7.08
N GLN C 207 5.44 35.63 -7.30
CA GLN C 207 6.72 35.80 -6.62
C GLN C 207 7.86 36.23 -7.53
N GLU C 208 8.99 36.59 -6.90
CA GLU C 208 10.22 37.01 -7.58
C GLU C 208 10.42 36.22 -8.87
N GLY C 209 10.32 36.93 -10.01
CA GLY C 209 10.43 36.31 -11.33
C GLY C 209 9.06 35.89 -11.87
N GLY C 218 4.81 41.35 -2.71
CA GLY C 218 3.80 40.54 -2.01
C GLY C 218 2.40 40.99 -2.38
N GLN C 219 2.18 41.13 -3.68
CA GLN C 219 0.91 41.63 -4.23
C GLN C 219 -0.22 40.57 -4.36
N LEU C 220 -1.21 40.61 -3.45
CA LEU C 220 -2.31 39.61 -3.48
C LEU C 220 -3.31 39.84 -4.59
N GLU C 221 -3.37 38.91 -5.54
CA GLU C 221 -4.31 39.00 -6.65
C GLU C 221 -5.51 38.12 -6.38
N ARG C 222 -6.58 38.32 -7.13
CA ARG C 222 -7.82 37.55 -6.96
C ARG C 222 -8.52 37.40 -8.31
N VAL C 223 -8.93 36.17 -8.63
CA VAL C 223 -9.53 35.92 -9.94
C VAL C 223 -10.74 34.99 -9.86
N GLU C 224 -11.85 35.36 -10.50
CA GLU C 224 -13.02 34.46 -10.57
C GLU C 224 -12.60 33.28 -11.47
N GLU C 225 -12.96 32.07 -11.08
CA GLU C 225 -12.52 30.86 -11.77
C GLU C 225 -13.53 29.74 -11.69
N VAL C 226 -13.31 28.71 -12.50
CA VAL C 226 -14.16 27.53 -12.54
C VAL C 226 -13.35 26.35 -12.05
N ARG C 227 -13.96 25.60 -11.13
CA ARG C 227 -13.36 24.42 -10.54
C ARG C 227 -14.04 23.26 -11.23
N ILE C 228 -13.30 22.62 -12.12
CA ILE C 228 -13.80 21.49 -12.88
C ILE C 228 -13.26 20.20 -12.31
N GLU C 229 -14.14 19.27 -11.99
CA GLU C 229 -13.70 17.98 -11.51
C GLU C 229 -14.24 16.88 -12.40
N THR C 230 -13.47 15.79 -12.50
CA THR C 230 -13.85 14.66 -13.32
C THR C 230 -13.08 13.44 -12.82
N ILE C 231 -13.69 12.27 -12.96
CA ILE C 231 -13.11 11.04 -12.50
C ILE C 231 -12.30 10.35 -13.62
N ILE C 232 -11.21 9.68 -13.26
CA ILE C 232 -10.40 8.94 -14.22
C ILE C 232 -9.83 7.65 -13.65
N PRO C 233 -9.58 6.66 -14.55
CA PRO C 233 -8.84 5.48 -14.15
C PRO C 233 -7.37 5.86 -14.19
N ALA C 234 -6.59 5.42 -13.21
CA ALA C 234 -5.17 5.72 -13.14
C ALA C 234 -4.37 5.57 -14.46
N SER C 235 -4.71 4.56 -15.26
CA SER C 235 -4.02 4.32 -16.53
C SER C 235 -4.21 5.46 -17.54
N LEU C 236 -5.33 6.20 -17.44
CA LEU C 236 -5.57 7.31 -18.35
C LEU C 236 -5.01 8.65 -17.86
N GLN C 237 -4.40 8.66 -16.68
CA GLN C 237 -3.87 9.91 -16.11
C GLN C 237 -2.96 10.72 -17.07
N ARG C 238 -1.90 10.09 -17.53
CA ARG C 238 -0.94 10.77 -18.39
C ARG C 238 -1.57 11.45 -19.62
N LYS C 239 -2.33 10.69 -20.39
CA LYS C 239 -3.03 11.18 -21.58
C LYS C 239 -4.03 12.30 -21.23
N VAL C 240 -4.82 12.10 -20.19
CA VAL C 240 -5.82 13.09 -19.78
C VAL C 240 -5.22 14.42 -19.26
N ILE C 241 -4.14 14.34 -18.48
CA ILE C 241 -3.45 15.52 -17.98
C ILE C 241 -2.82 16.31 -19.15
N LYS C 242 -2.24 15.59 -20.11
CA LYS C 242 -1.61 16.24 -21.25
C LYS C 242 -2.61 17.01 -22.12
N ALA C 243 -3.78 16.41 -22.36
CA ALA C 243 -4.84 17.03 -23.15
C ALA C 243 -5.42 18.24 -22.42
N MET C 244 -5.56 18.08 -21.12
CA MET C 244 -6.05 19.13 -20.24
C MET C 244 -5.13 20.35 -20.31
N VAL C 245 -3.82 20.13 -20.11
CA VAL C 245 -2.80 21.18 -20.14
C VAL C 245 -2.73 21.87 -21.50
N THR C 246 -2.85 21.11 -22.57
CA THR C 246 -2.81 21.68 -23.92
C THR C 246 -3.97 22.68 -24.12
N ALA C 247 -5.19 22.23 -23.74
CA ALA C 247 -6.40 23.04 -23.92
C ALA C 247 -6.42 24.25 -23.01
N HIS C 248 -5.79 24.09 -21.85
CA HIS C 248 -5.73 25.14 -20.85
C HIS C 248 -4.89 26.29 -21.40
N PRO C 249 -5.42 27.51 -21.28
CA PRO C 249 -4.76 28.72 -21.76
C PRO C 249 -3.49 29.07 -21.00
N TYR C 250 -3.34 28.54 -19.80
CA TYR C 250 -2.16 28.88 -19.01
C TYR C 250 -1.01 27.94 -19.27
N GLU C 251 0.18 28.43 -18.92
CA GLU C 251 1.40 27.67 -19.10
C GLU C 251 1.68 26.92 -17.81
N GLU C 252 1.56 27.62 -16.69
CA GLU C 252 1.65 26.98 -15.38
C GLU C 252 0.20 26.67 -14.92
N VAL C 253 -0.18 25.39 -14.95
CA VAL C 253 -1.55 24.98 -14.63
C VAL C 253 -1.72 24.31 -13.24
N ALA C 254 -2.72 24.78 -12.49
CA ALA C 254 -3.01 24.22 -11.17
C ALA C 254 -4.13 23.20 -11.22
N TYR C 255 -3.78 21.97 -10.87
CA TYR C 255 -4.71 20.89 -10.84
C TYR C 255 -4.27 19.96 -9.73
N ASP C 256 -5.24 19.20 -9.23
CA ASP C 256 -5.03 18.28 -8.14
C ASP C 256 -5.48 16.93 -8.61
N VAL C 257 -4.84 15.88 -8.12
CA VAL C 257 -5.28 14.52 -8.41
C VAL C 257 -5.50 13.88 -7.05
N TYR C 258 -6.74 13.55 -6.74
CA TYR C 258 -7.08 12.97 -5.48
C TYR C 258 -7.23 11.49 -5.68
N PRO C 259 -6.71 10.68 -4.76
CA PRO C 259 -6.97 9.25 -4.90
C PRO C 259 -8.37 9.01 -4.31
N LEU C 260 -9.12 8.07 -4.86
CA LEU C 260 -10.47 7.84 -4.37
C LEU C 260 -10.56 6.40 -3.93
N ASP C 261 -11.60 6.05 -3.19
CA ASP C 261 -11.83 4.66 -2.80
C ASP C 261 -12.63 3.91 -3.87
N ASN C 262 -13.25 4.68 -4.76
CA ASN C 262 -14.01 4.12 -5.86
C ASN C 262 -13.08 3.27 -6.71
N LYS C 263 -13.55 2.10 -7.13
CA LYS C 263 -12.74 1.24 -8.03
C LYS C 263 -13.36 1.23 -9.42
N GLY C 264 -12.53 0.91 -10.44
CA GLY C 264 -12.99 0.81 -11.82
C GLY C 264 -13.77 -0.49 -12.01
N GLU C 265 -14.08 -0.85 -13.24
CA GLU C 265 -14.79 -2.11 -13.42
C GLU C 265 -13.83 -3.23 -13.00
N THR C 266 -14.36 -4.17 -12.21
CA THR C 266 -13.57 -5.33 -11.79
C THR C 266 -13.28 -6.17 -13.02
N LEU C 267 -12.03 -6.61 -13.12
CA LEU C 267 -11.53 -7.50 -14.16
C LEU C 267 -10.92 -8.71 -13.45
N GLY C 268 -10.92 -9.86 -14.12
CA GLY C 268 -10.40 -11.08 -13.55
C GLY C 268 -10.43 -12.31 -14.43
N LEU C 269 -10.26 -13.46 -13.82
CA LEU C 269 -10.22 -14.69 -14.56
C LEU C 269 -11.57 -15.35 -14.67
N GLY C 270 -11.89 -15.86 -15.85
CA GLY C 270 -13.16 -16.58 -16.10
C GLY C 270 -14.43 -15.76 -16.02
N LYS C 271 -15.50 -16.33 -16.59
CA LYS C 271 -16.87 -15.72 -16.60
C LYS C 271 -17.90 -16.65 -15.96
N ILE C 272 -18.93 -16.08 -15.36
CA ILE C 272 -20.00 -16.89 -14.82
C ILE C 272 -21.27 -16.26 -15.34
N GLY C 273 -22.14 -17.08 -15.93
CA GLY C 273 -23.36 -16.63 -16.55
C GLY C 273 -24.41 -17.74 -16.57
N TYR C 274 -25.45 -17.56 -17.38
CA TYR C 274 -26.60 -18.48 -17.44
C TYR C 274 -26.90 -19.04 -18.82
N LEU C 275 -27.14 -20.34 -18.89
CA LEU C 275 -27.56 -20.94 -20.15
C LEU C 275 -28.94 -20.37 -20.53
N GLN C 276 -29.31 -20.50 -21.81
CA GLN C 276 -30.61 -20.03 -22.30
C GLN C 276 -31.76 -20.93 -21.75
N GLU C 277 -31.47 -22.23 -21.62
CA GLU C 277 -32.42 -23.20 -21.06
C GLU C 277 -31.68 -24.21 -20.19
N GLU C 278 -32.39 -24.74 -19.18
CA GLU C 278 -31.87 -25.75 -18.25
C GLU C 278 -31.62 -27.05 -19.02
N MET C 279 -30.56 -27.75 -18.62
CA MET C 279 -30.14 -29.01 -19.20
C MET C 279 -29.55 -29.86 -18.08
N THR C 280 -29.33 -31.14 -18.38
CA THR C 280 -28.65 -32.02 -17.45
C THR C 280 -27.17 -31.82 -17.71
N LEU C 281 -26.32 -32.34 -16.81
CA LEU C 281 -24.89 -32.21 -16.95
C LEU C 281 -24.47 -32.97 -18.21
N GLY C 282 -25.04 -34.16 -18.41
CA GLY C 282 -24.77 -34.99 -19.58
C GLY C 282 -24.95 -34.30 -20.92
N GLN C 283 -26.06 -33.56 -21.07
CA GLN C 283 -26.28 -32.78 -22.30
C GLN C 283 -25.56 -31.45 -22.33
N PHE C 284 -25.27 -30.90 -21.17
CA PHE C 284 -24.47 -29.71 -21.15
C PHE C 284 -23.09 -30.07 -21.67
N ALA C 285 -22.53 -31.15 -21.14
CA ALA C 285 -21.23 -31.69 -21.57
C ALA C 285 -21.13 -31.89 -23.09
N GLU C 286 -22.20 -32.39 -23.72
CA GLU C 286 -22.28 -32.53 -25.19
C GLU C 286 -22.23 -31.17 -25.82
N HIS C 287 -23.02 -30.25 -25.27
CA HIS C 287 -23.05 -28.87 -25.73
C HIS C 287 -21.64 -28.27 -25.64
N VAL C 288 -20.91 -28.52 -24.57
CA VAL C 288 -19.52 -28.04 -24.51
C VAL C 288 -18.68 -28.57 -25.66
N LYS C 289 -18.92 -29.81 -26.08
CA LYS C 289 -18.11 -30.43 -27.15
C LYS C 289 -18.36 -29.84 -28.52
N GLN C 290 -19.63 -29.65 -28.85
CA GLN C 290 -20.02 -29.11 -30.13
C GLN C 290 -19.63 -27.66 -30.19
N SER C 291 -19.93 -26.99 -29.09
CA SER C 291 -19.78 -25.58 -28.88
C SER C 291 -18.33 -25.13 -28.89
N LEU C 292 -17.47 -25.93 -28.24
CA LEU C 292 -16.03 -25.64 -28.17
C LEU C 292 -15.17 -26.48 -29.12
N ASP C 293 -15.80 -27.29 -29.98
CA ASP C 293 -15.13 -28.08 -31.02
C ASP C 293 -14.12 -29.08 -30.50
N VAL C 294 -14.55 -29.94 -29.57
CA VAL C 294 -13.69 -30.98 -29.06
C VAL C 294 -14.32 -32.37 -29.22
N LYS C 295 -13.48 -33.38 -29.43
CA LYS C 295 -13.97 -34.73 -29.60
C LYS C 295 -14.35 -35.41 -28.30
N GLY C 296 -13.67 -35.07 -27.22
CA GLY C 296 -14.02 -35.67 -25.93
C GLY C 296 -13.86 -34.72 -24.76
N ALA C 297 -14.46 -35.06 -23.63
CA ALA C 297 -14.32 -34.27 -22.39
C ALA C 297 -14.39 -35.22 -21.19
N ARG C 298 -13.98 -34.74 -20.02
CA ARG C 298 -14.13 -35.50 -18.76
C ARG C 298 -15.16 -34.71 -17.96
N VAL C 299 -16.04 -35.42 -17.27
CA VAL C 299 -17.08 -34.81 -16.50
C VAL C 299 -17.08 -35.27 -15.03
N VAL C 300 -17.21 -34.33 -14.11
CA VAL C 300 -17.30 -34.66 -12.70
C VAL C 300 -18.71 -34.36 -12.23
N GLY C 301 -19.42 -35.36 -11.73
CA GLY C 301 -20.78 -35.18 -11.19
C GLY C 301 -21.74 -36.18 -11.76
N LYS C 302 -22.97 -36.20 -11.25
CA LYS C 302 -23.98 -37.08 -11.78
C LYS C 302 -24.56 -36.49 -13.07
N LEU C 303 -24.39 -37.18 -14.19
CA LEU C 303 -24.85 -36.69 -15.51
C LEU C 303 -26.32 -36.30 -15.64
N ASP C 304 -27.12 -36.65 -14.64
CA ASP C 304 -28.54 -36.32 -14.70
C ASP C 304 -28.98 -35.13 -13.83
N ASP C 305 -27.99 -34.49 -13.20
CA ASP C 305 -28.24 -33.31 -12.37
C ASP C 305 -28.56 -32.13 -13.28
N LYS C 306 -29.40 -31.24 -12.79
CA LYS C 306 -29.77 -30.08 -13.57
C LYS C 306 -28.72 -28.96 -13.51
N VAL C 307 -28.40 -28.37 -14.65
CA VAL C 307 -27.48 -27.24 -14.65
C VAL C 307 -28.08 -26.05 -15.37
N ARG C 308 -27.94 -24.89 -14.74
CA ARG C 308 -28.45 -23.64 -15.27
C ARG C 308 -27.36 -22.55 -15.32
N LYS C 309 -26.70 -22.28 -14.20
CA LYS C 309 -25.60 -21.32 -14.30
C LYS C 309 -24.27 -22.01 -14.39
N VAL C 310 -23.46 -21.49 -15.33
CA VAL C 310 -22.19 -22.06 -15.72
C VAL C 310 -21.03 -21.10 -15.49
N ALA C 311 -19.94 -21.63 -14.95
CA ALA C 311 -18.69 -20.89 -14.78
C ALA C 311 -17.71 -21.42 -15.82
N VAL C 312 -16.96 -20.55 -16.47
CA VAL C 312 -15.91 -21.04 -17.40
C VAL C 312 -14.61 -20.31 -17.19
N LEU C 313 -13.49 -21.01 -17.27
CA LEU C 313 -12.21 -20.37 -17.13
C LEU C 313 -11.26 -21.14 -18.04
N GLY C 314 -10.84 -20.54 -19.16
CA GLY C 314 -9.99 -21.27 -20.09
C GLY C 314 -8.65 -21.51 -19.46
N GLY C 315 -8.00 -22.66 -19.72
CA GLY C 315 -6.68 -22.91 -19.14
C GLY C 315 -6.78 -23.70 -17.85
N ASP C 316 -5.76 -23.61 -16.99
CA ASP C 316 -5.74 -24.26 -15.68
C ASP C 316 -6.58 -23.48 -14.65
N GLY C 317 -7.77 -23.99 -14.35
CA GLY C 317 -8.63 -23.34 -13.36
C GLY C 317 -8.92 -24.12 -12.09
N ASN C 318 -8.04 -25.06 -11.78
CA ASN C 318 -8.08 -25.84 -10.55
C ASN C 318 -8.22 -24.98 -9.30
N LYS C 319 -7.59 -23.81 -9.31
CA LYS C 319 -7.60 -22.93 -8.17
C LYS C 319 -8.90 -22.16 -7.90
N TYR C 320 -9.85 -22.21 -8.81
CA TYR C 320 -11.08 -21.44 -8.69
C TYR C 320 -12.36 -22.21 -8.49
N ILE C 321 -12.25 -23.44 -8.02
CA ILE C 321 -13.45 -24.21 -7.76
C ILE C 321 -14.28 -23.63 -6.60
N ASN C 322 -13.64 -23.00 -5.61
CA ASN C 322 -14.36 -22.46 -4.47
C ASN C 322 -15.11 -21.23 -4.85
N GLN C 323 -14.50 -20.43 -5.71
CA GLN C 323 -15.09 -19.22 -6.23
C GLN C 323 -16.31 -19.59 -7.06
N ALA C 324 -16.12 -20.50 -8.00
CA ALA C 324 -17.19 -21.00 -8.87
C ALA C 324 -18.44 -21.44 -8.09
N LYS C 325 -18.24 -22.15 -6.97
CA LYS C 325 -19.35 -22.59 -6.12
C LYS C 325 -19.91 -21.45 -5.26
N PHE C 326 -19.04 -20.61 -4.71
CA PHE C 326 -19.49 -19.48 -3.90
C PHE C 326 -20.43 -18.59 -4.73
N LYS C 327 -20.04 -18.28 -5.97
CA LYS C 327 -20.85 -17.52 -6.92
C LYS C 327 -22.08 -18.32 -7.43
N GLY C 328 -22.24 -19.56 -6.98
CA GLY C 328 -23.43 -20.34 -7.33
C GLY C 328 -23.48 -21.18 -8.59
N ALA C 329 -22.35 -21.45 -9.21
CA ALA C 329 -22.31 -22.27 -10.43
C ALA C 329 -22.86 -23.63 -10.15
N ASP C 330 -23.48 -24.20 -11.18
CA ASP C 330 -24.06 -25.54 -11.14
C ASP C 330 -23.02 -26.48 -11.75
N VAL C 331 -22.21 -25.91 -12.65
CA VAL C 331 -21.19 -26.62 -13.38
C VAL C 331 -20.03 -25.68 -13.67
N TYR C 332 -18.81 -26.21 -13.73
CA TYR C 332 -17.62 -25.40 -13.99
C TYR C 332 -16.84 -25.99 -15.18
N VAL C 333 -16.63 -25.18 -16.23
CA VAL C 333 -15.92 -25.62 -17.42
C VAL C 333 -14.51 -25.07 -17.42
N THR C 334 -13.51 -25.94 -17.20
CA THR C 334 -12.11 -25.51 -17.15
C THR C 334 -11.17 -26.67 -17.53
N GLY C 335 -9.90 -26.37 -17.82
CA GLY C 335 -8.95 -27.41 -18.19
C GLY C 335 -8.06 -27.88 -17.07
N ASP C 336 -7.32 -28.95 -17.35
CA ASP C 336 -6.32 -29.50 -16.44
C ASP C 336 -6.80 -29.93 -15.08
N MET C 337 -8.02 -30.45 -15.01
CA MET C 337 -8.58 -30.83 -13.72
C MET C 337 -7.78 -31.95 -12.98
N TYR C 338 -7.24 -31.62 -11.81
CA TYR C 338 -6.49 -32.57 -11.00
C TYR C 338 -7.39 -33.49 -10.18
N TYR C 339 -6.95 -34.72 -10.01
CA TYR C 339 -7.75 -35.74 -9.30
C TYR C 339 -8.25 -35.22 -7.97
N HIS C 340 -7.34 -34.71 -7.13
CA HIS C 340 -7.71 -34.25 -5.81
C HIS C 340 -8.60 -33.00 -5.86
N VAL C 341 -8.38 -32.13 -6.82
CA VAL C 341 -9.24 -30.98 -6.93
C VAL C 341 -10.65 -31.46 -7.31
N ALA C 342 -10.74 -32.47 -8.17
CA ALA C 342 -12.04 -33.00 -8.60
C ALA C 342 -12.76 -33.63 -7.41
N HIS C 343 -12.04 -34.31 -6.51
CA HIS C 343 -12.76 -34.83 -5.31
C HIS C 343 -13.23 -33.64 -4.46
N ASP C 344 -12.44 -32.56 -4.42
CA ASP C 344 -12.80 -31.36 -3.67
C ASP C 344 -14.06 -30.77 -4.27
N ALA C 345 -14.16 -30.80 -5.60
CA ALA C 345 -15.34 -30.26 -6.30
C ALA C 345 -16.60 -31.09 -6.02
N MET C 346 -16.50 -32.42 -6.03
CA MET C 346 -17.66 -33.25 -5.68
C MET C 346 -18.12 -32.92 -4.27
N MET C 347 -17.17 -32.73 -3.34
CA MET C 347 -17.49 -32.33 -1.94
C MET C 347 -18.14 -30.96 -1.83
N LEU C 348 -17.81 -30.03 -2.73
CA LEU C 348 -18.46 -28.71 -2.72
C LEU C 348 -19.87 -28.82 -3.30
N GLY C 349 -20.10 -29.85 -4.12
CA GLY C 349 -21.36 -30.02 -4.83
C GLY C 349 -21.27 -29.33 -6.19
N LEU C 350 -20.05 -29.20 -6.73
CA LEU C 350 -19.82 -28.55 -8.02
C LEU C 350 -19.54 -29.54 -9.15
N ASN C 351 -20.31 -29.44 -10.23
CA ASN C 351 -20.08 -30.27 -11.38
C ASN C 351 -18.97 -29.65 -12.21
N ILE C 352 -18.33 -30.47 -13.04
CA ILE C 352 -17.24 -29.99 -13.84
C ILE C 352 -17.27 -30.64 -15.19
N VAL C 353 -16.98 -29.85 -16.21
CA VAL C 353 -16.75 -30.41 -17.53
C VAL C 353 -15.35 -29.90 -17.92
N ASP C 354 -14.45 -30.78 -18.31
CA ASP C 354 -13.07 -30.45 -18.66
C ASP C 354 -12.93 -30.78 -20.14
N PRO C 355 -13.04 -29.76 -20.98
CA PRO C 355 -12.90 -29.99 -22.41
C PRO C 355 -11.42 -29.89 -22.81
N GLY C 356 -10.53 -29.62 -21.86
CA GLY C 356 -9.11 -29.51 -22.16
C GLY C 356 -8.68 -28.05 -22.22
N HIS C 357 -7.44 -27.81 -21.82
CA HIS C 357 -6.82 -26.50 -21.81
C HIS C 357 -6.82 -25.90 -23.23
N ASN C 358 -6.72 -26.77 -24.23
CA ASN C 358 -6.64 -26.32 -25.61
C ASN C 358 -7.88 -25.62 -26.14
N VAL C 359 -8.98 -25.56 -25.37
CA VAL C 359 -10.15 -24.84 -25.85
C VAL C 359 -9.91 -23.32 -25.89
N GLU C 360 -8.80 -22.87 -25.31
CA GLU C 360 -8.38 -21.47 -25.38
C GLU C 360 -7.96 -21.06 -26.76
N LYS C 361 -7.91 -22.03 -27.67
CA LYS C 361 -7.58 -21.80 -29.05
C LYS C 361 -8.53 -20.77 -29.70
N VAL C 362 -9.68 -20.51 -29.07
CA VAL C 362 -10.69 -19.55 -29.60
C VAL C 362 -10.13 -18.16 -29.66
N MET C 363 -9.07 -17.99 -28.91
CA MET C 363 -8.38 -16.74 -28.79
C MET C 363 -7.62 -16.35 -30.06
N LYS C 364 -7.31 -17.31 -30.93
CA LYS C 364 -6.57 -16.97 -32.15
C LYS C 364 -7.43 -16.21 -33.13
N GLN C 365 -8.59 -16.76 -33.46
CA GLN C 365 -9.51 -16.11 -34.40
C GLN C 365 -10.06 -14.84 -33.77
N GLY C 366 -10.20 -14.85 -32.45
CA GLY C 366 -10.72 -13.70 -31.69
C GLY C 366 -9.80 -12.50 -31.72
N VAL C 367 -8.53 -12.74 -31.36
CA VAL C 367 -7.50 -11.71 -31.39
C VAL C 367 -7.22 -11.28 -32.83
N GLN C 368 -7.28 -12.23 -33.77
CA GLN C 368 -7.10 -11.92 -35.20
C GLN C 368 -8.12 -10.89 -35.67
N LYS C 369 -9.40 -11.04 -35.27
CA LYS C 369 -10.43 -10.10 -35.70
C LYS C 369 -10.14 -8.73 -35.08
N GLN C 370 -10.17 -8.69 -33.75
CA GLN C 370 -9.87 -7.49 -32.97
C GLN C 370 -8.67 -6.72 -33.53
N LEU C 371 -7.54 -7.40 -33.70
CA LEU C 371 -6.32 -6.75 -34.19
C LEU C 371 -6.41 -6.29 -35.64
N GLN C 372 -6.98 -7.11 -36.52
CA GLN C 372 -7.15 -6.70 -37.93
C GLN C 372 -7.96 -5.40 -37.98
N GLU C 373 -8.99 -5.34 -37.14
CA GLU C 373 -9.90 -4.19 -37.03
C GLU C 373 -9.13 -2.90 -36.65
N LYS C 374 -8.20 -3.00 -35.71
CA LYS C 374 -7.39 -1.85 -35.26
C LYS C 374 -6.39 -1.38 -36.31
N VAL C 375 -5.76 -2.33 -37.00
CA VAL C 375 -4.77 -1.97 -38.01
C VAL C 375 -5.44 -1.45 -39.26
N ASP C 376 -6.72 -1.78 -39.44
CA ASP C 376 -7.48 -1.27 -40.59
C ASP C 376 -7.98 0.14 -40.30
N ALA C 377 -8.33 0.38 -39.03
CA ALA C 377 -8.77 1.70 -38.59
C ALA C 377 -7.63 2.73 -38.70
N LYS C 378 -6.39 2.24 -38.68
CA LYS C 378 -5.22 3.12 -38.78
C LYS C 378 -4.42 3.03 -40.08
N LYS C 379 -5.11 2.65 -41.16
CA LYS C 379 -4.56 2.62 -42.52
C LYS C 379 -3.33 1.75 -42.74
N LEU C 380 -2.98 0.93 -41.75
CA LEU C 380 -1.78 0.08 -41.79
C LEU C 380 -1.87 -1.09 -42.74
N ASN C 381 -0.79 -1.32 -43.45
CA ASN C 381 -0.74 -2.38 -44.44
C ASN C 381 -0.18 -3.66 -43.82
N VAL C 382 -1.02 -4.30 -43.00
CA VAL C 382 -0.66 -5.56 -42.33
C VAL C 382 -1.81 -6.55 -42.43
N HIS C 383 -1.48 -7.80 -42.71
CA HIS C 383 -2.45 -8.88 -42.77
C HIS C 383 -2.24 -9.71 -41.49
N ILE C 384 -3.28 -9.87 -40.67
CA ILE C 384 -3.14 -10.66 -39.44
C ILE C 384 -3.67 -12.08 -39.74
N HIS C 385 -3.02 -13.10 -39.20
CA HIS C 385 -3.48 -14.48 -39.45
C HIS C 385 -3.74 -15.22 -38.15
N ALA C 386 -4.69 -16.15 -38.20
CA ALA C 386 -5.00 -17.02 -37.08
C ALA C 386 -4.48 -18.40 -37.43
N SER C 387 -3.43 -18.83 -36.72
CA SER C 387 -2.82 -20.14 -36.93
C SER C 387 -3.85 -21.25 -37.04
N GLN C 388 -3.69 -22.10 -38.05
CA GLN C 388 -4.66 -23.14 -38.31
C GLN C 388 -4.32 -24.44 -37.60
N LEU C 389 -3.07 -24.56 -37.19
CA LEU C 389 -2.58 -25.76 -36.57
C LEU C 389 -3.26 -26.12 -35.25
N HIS C 390 -3.56 -27.40 -35.11
CA HIS C 390 -4.19 -27.92 -33.94
C HIS C 390 -3.08 -28.29 -32.93
N THR C 391 -3.09 -27.71 -31.73
CA THR C 391 -2.02 -27.99 -30.77
C THR C 391 -2.41 -28.68 -29.46
N ASP C 392 -3.53 -29.39 -29.45
CA ASP C 392 -3.95 -30.13 -28.29
C ASP C 392 -3.07 -31.37 -28.23
N PRO C 393 -2.30 -31.53 -27.13
CA PRO C 393 -1.45 -32.74 -27.02
C PRO C 393 -2.21 -34.03 -26.78
N PHE C 394 -3.49 -33.95 -26.44
CA PHE C 394 -4.33 -35.11 -26.11
C PHE C 394 -5.35 -35.58 -27.14
N ILE C 395 -5.52 -36.91 -27.21
CA ILE C 395 -6.49 -37.59 -28.03
C ILE C 395 -7.28 -38.50 -27.11
N PHE C 396 -8.60 -38.33 -27.09
CA PHE C 396 -9.47 -39.21 -26.32
C PHE C 396 -9.69 -40.53 -27.08
N VAL C 397 -9.46 -41.64 -26.40
CA VAL C 397 -9.73 -42.95 -26.97
C VAL C 397 -10.68 -43.74 -26.06
#